data_8Q3M
#
_entry.id   8Q3M
#
_cell.length_a   109.714
_cell.length_b   109.882
_cell.length_c   184.880
_cell.angle_alpha   90.000
_cell.angle_beta   90.000
_cell.angle_gamma   90.000
#
_symmetry.space_group_name_H-M   'P 21 21 21'
#
loop_
_entity.id
_entity.type
_entity.pdbx_description
1 polymer 'Histone H3.1'
2 polymer 'Histone H4'
3 polymer 'Histone H2A type 1-B/E'
4 polymer 'Histone H2B type 1-K'
5 polymer 'DNA (145-MER)'
6 polymer 'DNA (145-MER)'
7 polymer 'Kaposi sarcoma associated herpesvirus LANA peptide with a methionine to ornithine substitution'
8 non-polymer 'MAGNESIUM ION'
#
loop_
_entity_poly.entity_id
_entity_poly.type
_entity_poly.pdbx_seq_one_letter_code
_entity_poly.pdbx_strand_id
1 'polypeptide(L)'
;PHRYRPGTVALREIRRYQKSTELLIRKLPFQRLVREIAQDFKTDLRFQSSAVMALQEACEAYLVGLFEDTNLCAIHAKRV
TIMPKDIQLARRIRGERA
;
AAA,EEE
2 'polypeptide(L)'
;KRHRKVLRDNIQGITKPAIRRLARRGGVKRISGLIYEETRGVLKVFLENVIRDAVTYTEHAKRKTVTAMDVVYALKRQGR
TLYGFGG
;
BBB,FFF
3 'polypeptide(L)'
;KAKTRSSRAGLQFPVGRVHRLLRKGNYSERVGAGAPVYLAAVLEYLTAEILELAGNAARDNKKTRIIPRHLQLAIRNDEE
LNKLLGRVTIAQGGVLPNIQAVLLPKK
;
CCC,GGG
4 'polypeptide(L)'
;RSRKESYSVYVYKVLKQVHPDTGISSKAMGIMNSFVNDIFERIAGEASRLAHYNKRSTITSREIQTAVRLLLPGELAKHA
VSEGTKAVTKYTSAK
;
DDD,HHH
5 'polydeoxyribonucleotide'
;(DA)(DT)(DC)(DA)(DA)(DT)(DA)(DT)(DC)(DC)(DA)(DC)(DC)(DT)(DG)(DC)(DA)(DG)(DA)(DT)
(DA)(DC)(DT)(DA)(DC)(DC)(DA)(DA)(DA)(DA)(DG)(DT)(DG)(DT)(DA)(DT)(DT)(DT)(DG)(DG)
(DA)(DA)(DA)(DC)(DT)(DG)(DC)(DT)(DC)(DC)(DA)(DT)(DC)(DA)(DA)(DA)(DA)(DG)(DG)(DC)
(DA)(DT)(DG)(DT)(DT)(DC)(DA)(DG)(DC)(DT)(DG)(DA)(DA)(DT)(DC)(DA)(DG)(DC)(DT)(DG)
(DA)(DA)(DC)(DA)(DT)(DG)(DC)(DC)(DT)(DT)(DT)(DT)(DG)(DA)(DT)(DG)(DG)(DA)(DG)(DC)
(DA)(DG)(DT)(DT)(DT)(DC)(DC)(DA)(DA)(DA)(DT)(DA)(DC)(DA)(DC)(DT)(DT)(DT)(DT)(DG)
(DG)(DT)(DA)(DG)(DT)(DA)(DT)(DC)(DT)(DG)(DC)(DA)(DG)(DG)(DT)(DG)(DG)(DA)(DT)(DA)
(DT)(DT)(DG)(DA)(DT)
;
III
6 'polydeoxyribonucleotide'
;(DA)(DT)(DC)(DA)(DA)(DT)(DA)(DT)(DC)(DC)(DA)(DC)(DC)(DT)(DG)(DC)(DA)(DG)(DA)(DT)
(DA)(DC)(DT)(DA)(DC)(DC)(DA)(DA)(DA)(DA)(DG)(DT)(DG)(DT)(DA)(DT)(DT)(DT)(DG)(DG)
(DA)(DA)(DA)(DC)(DT)(DG)(DC)(DT)(DC)(DC)(DA)(DT)(DC)(DA)(DA)(DA)(DA)(DG)(DG)(DC)
(DA)(DT)(DG)(DT)(DT)(DC)(DA)(DG)(DC)(DT)(DG)(DA)(DT)(DT)(DC)(DA)(DG)(DC)(DT)(DG)
(DA)(DA)(DC)(DA)(DT)(DG)(DC)(DC)(DT)(DT)(DT)(DT)(DG)(DA)(DT)(DG)(DG)(DA)(DG)(DC)
(DA)(DG)(DT)(DT)(DT)(DC)(DC)(DA)(DA)(DA)(DT)(DA)(DC)(DA)(DC)(DT)(DT)(DT)(DT)(DG)
(DG)(DT)(DA)(DG)(DT)(DA)(DT)(DC)(DT)(DG)(DC)(DA)(DG)(DG)(DT)(DG)(DG)(DA)(DT)(DA)
(DT)(DT)(DG)(DA)(DT)
;
JJJ
7 'polypeptide(L)' PG(ORN)RLRSGRSTGAP MMM
#
loop_
_chem_comp.id
_chem_comp.type
_chem_comp.name
_chem_comp.formula
DA DNA linking 2'-DEOXYADENOSINE-5'-MONOPHOSPHATE 'C10 H14 N5 O6 P'
DC DNA linking 2'-DEOXYCYTIDINE-5'-MONOPHOSPHATE 'C9 H14 N3 O7 P'
DG DNA linking 2'-DEOXYGUANOSINE-5'-MONOPHOSPHATE 'C10 H14 N5 O7 P'
DT DNA linking THYMIDINE-5'-MONOPHOSPHATE 'C10 H15 N2 O8 P'
MG non-polymer 'MAGNESIUM ION' 'Mg 2'
#
# COMPACT_ATOMS: atom_id res chain seq x y z
N PRO A 1 35.18 -11.22 42.13
CA PRO A 1 33.90 -10.53 41.82
C PRO A 1 33.92 -9.80 40.46
N HIS A 2 33.36 -10.42 39.40
CA HIS A 2 33.48 -10.01 37.97
C HIS A 2 32.14 -9.59 37.36
N ARG A 3 32.09 -8.37 36.85
CA ARG A 3 30.86 -7.63 36.45
C ARG A 3 31.08 -7.16 35.01
N TYR A 4 30.13 -7.42 34.10
CA TYR A 4 30.20 -6.98 32.68
C TYR A 4 29.84 -5.48 32.62
N ARG A 5 30.49 -4.72 31.73
CA ARG A 5 30.30 -3.24 31.64
C ARG A 5 28.99 -2.92 30.93
N PRO A 6 28.40 -1.73 31.15
CA PRO A 6 27.12 -1.36 30.54
C PRO A 6 27.20 -1.42 29.01
N GLY A 7 26.34 -2.24 28.40
CA GLY A 7 26.24 -2.33 26.93
C GLY A 7 26.93 -3.57 26.39
N THR A 8 27.58 -4.36 27.23
CA THR A 8 28.26 -5.60 26.79
C THR A 8 27.26 -6.75 26.77
N VAL A 9 26.35 -6.80 27.75
CA VAL A 9 25.26 -7.82 27.79
C VAL A 9 24.22 -7.43 26.72
N ALA A 10 23.99 -6.11 26.54
CA ALA A 10 23.06 -5.55 25.55
C ALA A 10 23.44 -6.09 24.16
N LEU A 11 24.66 -5.82 23.71
CA LEU A 11 25.19 -6.40 22.46
C LEU A 11 24.93 -7.90 22.45
N ARG A 12 25.09 -8.60 23.56
CA ARG A 12 25.02 -10.07 23.55
C ARG A 12 23.57 -10.48 23.32
N GLU A 13 22.62 -9.78 23.97
CA GLU A 13 21.16 -9.99 23.76
C GLU A 13 20.88 -9.72 22.28
N ILE A 14 21.34 -8.58 21.76
CA ILE A 14 21.13 -8.22 20.33
C ILE A 14 21.55 -9.42 19.49
N ARG A 15 22.74 -9.97 19.71
CA ARG A 15 23.26 -11.04 18.81
C ARG A 15 22.40 -12.29 18.98
N ARG A 16 21.92 -12.54 20.18
CA ARG A 16 21.17 -13.77 20.54
C ARG A 16 19.78 -13.67 19.91
N TYR A 17 19.05 -12.58 20.14
CA TYR A 17 17.62 -12.45 19.75
C TYR A 17 17.48 -12.21 18.22
N GLN A 18 18.50 -11.67 17.55
CA GLN A 18 18.56 -11.50 16.08
C GLN A 18 18.79 -12.87 15.42
N LYS A 19 19.32 -13.83 16.17
CA LYS A 19 19.67 -15.19 15.69
C LYS A 19 18.47 -16.12 15.81
N SER A 20 17.59 -15.89 16.79
CA SER A 20 16.39 -16.72 17.06
C SER A 20 15.14 -16.09 16.42
N THR A 21 14.05 -16.87 16.43
CA THR A 21 12.70 -16.53 15.91
C THR A 21 11.60 -16.83 16.96
N GLU A 22 11.95 -17.23 18.19
CA GLU A 22 10.91 -17.52 19.23
C GLU A 22 10.14 -16.23 19.52
N LEU A 23 8.85 -16.34 19.80
CA LEU A 23 8.08 -15.17 20.26
C LEU A 23 8.69 -14.73 21.60
N LEU A 24 8.69 -13.41 21.84
CA LEU A 24 9.45 -12.73 22.92
C LEU A 24 8.50 -12.12 23.94
N ILE A 25 7.18 -12.20 23.73
CA ILE A 25 6.17 -11.88 24.78
C ILE A 25 5.64 -13.22 25.28
N ARG A 26 5.20 -13.29 26.55
CA ARG A 26 4.66 -14.54 27.17
C ARG A 26 3.22 -14.69 26.65
N LYS A 27 2.81 -15.91 26.28
CA LYS A 27 1.56 -16.19 25.53
C LYS A 27 0.35 -15.66 26.31
N LEU A 28 0.25 -16.01 27.59
CA LEU A 28 -1.00 -15.83 28.38
C LEU A 28 -1.29 -14.35 28.56
N PRO A 29 -0.34 -13.53 29.05
CA PRO A 29 -0.55 -12.09 29.12
C PRO A 29 -1.05 -11.47 27.82
N PHE A 30 -0.49 -11.92 26.68
CA PHE A 30 -0.87 -11.48 25.31
C PHE A 30 -2.29 -11.94 25.01
N GLN A 31 -2.60 -13.22 25.24
CA GLN A 31 -3.96 -13.79 25.03
C GLN A 31 -4.97 -12.95 25.84
N ARG A 32 -4.68 -12.70 27.12
CA ARG A 32 -5.58 -11.89 28.00
C ARG A 32 -5.83 -10.54 27.34
N LEU A 33 -4.76 -9.86 26.94
CA LEU A 33 -4.81 -8.49 26.34
C LEU A 33 -5.68 -8.51 25.06
N VAL A 34 -5.49 -9.50 24.18
CA VAL A 34 -6.33 -9.65 22.96
C VAL A 34 -7.79 -9.68 23.43
N ARG A 35 -8.15 -10.69 24.24
CA ARG A 35 -9.55 -10.94 24.67
C ARG A 35 -10.15 -9.66 25.27
N GLU A 36 -9.41 -8.95 26.13
CA GLU A 36 -9.85 -7.65 26.70
C GLU A 36 -10.25 -6.70 25.55
N ILE A 37 -9.27 -6.29 24.73
CA ILE A 37 -9.42 -5.31 23.63
C ILE A 37 -10.62 -5.72 22.76
N ALA A 38 -10.71 -7.02 22.44
CA ALA A 38 -11.75 -7.62 21.58
C ALA A 38 -13.12 -7.41 22.24
N GLN A 39 -13.26 -7.85 23.50
CA GLN A 39 -14.49 -7.71 24.35
C GLN A 39 -15.21 -6.40 24.02
N ASP A 40 -14.47 -5.28 23.93
CA ASP A 40 -14.97 -3.91 23.61
C ASP A 40 -15.51 -3.76 22.17
N PHE A 41 -15.55 -4.83 21.36
CA PHE A 41 -16.12 -4.80 19.99
C PHE A 41 -17.28 -5.79 19.89
N LYS A 42 -17.13 -6.99 20.46
CA LYS A 42 -18.20 -8.00 20.61
C LYS A 42 -17.84 -8.88 21.80
N THR A 43 -18.81 -9.10 22.69
CA THR A 43 -18.66 -9.89 23.94
C THR A 43 -18.86 -11.38 23.63
N ASP A 44 -18.64 -12.23 24.63
CA ASP A 44 -18.82 -13.71 24.53
C ASP A 44 -18.12 -14.21 23.26
N LEU A 45 -16.89 -13.74 23.01
CA LEU A 45 -16.11 -14.08 21.80
C LEU A 45 -15.13 -15.19 22.12
N ARG A 46 -15.07 -16.18 21.25
CA ARG A 46 -14.05 -17.26 21.27
C ARG A 46 -13.04 -17.00 20.14
N PHE A 47 -11.81 -17.44 20.36
CA PHE A 47 -10.63 -17.24 19.48
C PHE A 47 -10.03 -18.60 19.15
N GLN A 48 -9.84 -18.93 17.86
CA GLN A 48 -9.04 -20.12 17.47
C GLN A 48 -7.67 -19.90 18.11
N SER A 49 -6.96 -20.99 18.44
CA SER A 49 -5.56 -20.96 18.92
C SER A 49 -4.74 -20.17 17.89
N SER A 50 -4.69 -20.64 16.64
CA SER A 50 -3.94 -20.04 15.51
C SER A 50 -4.25 -18.54 15.45
N ALA A 51 -5.51 -18.15 15.60
CA ALA A 51 -5.96 -16.72 15.48
C ALA A 51 -5.16 -15.85 16.44
N VAL A 52 -4.92 -16.33 17.65
CA VAL A 52 -4.17 -15.52 18.67
C VAL A 52 -2.70 -15.56 18.27
N MET A 53 -2.20 -16.71 17.82
CA MET A 53 -0.79 -16.81 17.39
C MET A 53 -0.55 -15.84 16.23
N ALA A 54 -1.48 -15.77 15.27
CA ALA A 54 -1.35 -14.91 14.06
C ALA A 54 -1.20 -13.47 14.54
N LEU A 55 -2.04 -13.04 15.47
CA LEU A 55 -1.93 -11.69 16.07
C LEU A 55 -0.54 -11.52 16.71
N GLN A 56 -0.10 -12.42 17.58
CA GLN A 56 1.17 -12.23 18.31
C GLN A 56 2.31 -12.12 17.26
N GLU A 57 2.39 -13.06 16.34
CA GLU A 57 3.38 -13.02 15.25
C GLU A 57 3.41 -11.62 14.62
N ALA A 58 2.23 -11.09 14.26
CA ALA A 58 2.10 -9.83 13.48
C ALA A 58 2.59 -8.70 14.37
N CYS A 59 2.10 -8.71 15.58
CA CYS A 59 2.31 -7.62 16.55
C CYS A 59 3.81 -7.57 16.93
N GLU A 60 4.44 -8.71 17.15
CA GLU A 60 5.89 -8.73 17.49
C GLU A 60 6.71 -8.27 16.28
N ALA A 61 6.40 -8.77 15.09
CA ALA A 61 7.09 -8.35 13.85
C ALA A 61 6.99 -6.82 13.71
N TYR A 62 5.78 -6.27 13.90
CA TYR A 62 5.52 -4.82 13.82
C TYR A 62 6.48 -4.08 14.76
N LEU A 63 6.49 -4.47 16.03
CA LEU A 63 7.20 -3.72 17.10
C LEU A 63 8.70 -3.83 16.83
N VAL A 64 9.15 -4.98 16.36
CA VAL A 64 10.60 -5.14 16.03
C VAL A 64 10.99 -4.21 14.86
N GLY A 65 10.19 -4.20 13.79
CA GLY A 65 10.36 -3.21 12.72
C GLY A 65 10.43 -1.79 13.28
N LEU A 66 9.46 -1.45 14.14
CA LEU A 66 9.37 -0.11 14.75
C LEU A 66 10.65 0.16 15.56
N PHE A 67 11.19 -0.82 16.28
CA PHE A 67 12.41 -0.55 17.09
C PHE A 67 13.56 -0.27 16.13
N GLU A 68 13.65 -0.97 15.00
CA GLU A 68 14.70 -0.68 13.99
C GLU A 68 14.58 0.78 13.54
N ASP A 69 13.39 1.22 13.14
CA ASP A 69 13.24 2.60 12.59
C ASP A 69 13.54 3.60 13.72
N THR A 70 13.06 3.26 14.93
CA THR A 70 13.24 4.08 16.15
C THR A 70 14.74 4.23 16.34
N ASN A 71 15.44 3.11 16.29
CA ASN A 71 16.90 3.09 16.54
C ASN A 71 17.59 4.02 15.56
N LEU A 72 17.18 4.00 14.30
CA LEU A 72 17.76 4.90 13.27
C LEU A 72 17.46 6.35 13.65
N CYS A 73 16.28 6.64 14.19
CA CYS A 73 15.95 8.03 14.60
C CYS A 73 16.81 8.47 15.78
N ALA A 74 17.10 7.57 16.74
CA ALA A 74 17.98 7.87 17.88
C ALA A 74 19.39 8.10 17.36
N ILE A 75 19.86 7.21 16.49
CA ILE A 75 21.25 7.36 15.97
C ILE A 75 21.36 8.63 15.12
N HIS A 76 20.27 9.10 14.53
CA HIS A 76 20.26 10.30 13.63
C HIS A 76 20.49 11.55 14.46
N ALA A 77 19.96 11.55 15.69
CA ALA A 77 20.11 12.63 16.71
C ALA A 77 21.42 12.43 17.50
N LYS A 78 22.32 11.58 16.99
CA LYS A 78 23.68 11.41 17.54
C LYS A 78 23.58 10.84 18.95
N ARG A 79 22.56 10.02 19.23
CA ARG A 79 22.41 9.25 20.49
C ARG A 79 22.50 7.75 20.19
N VAL A 80 22.45 6.90 21.22
CA VAL A 80 22.40 5.40 21.13
C VAL A 80 21.26 4.89 22.00
N THR A 81 20.55 5.81 22.67
CA THR A 81 19.40 5.51 23.54
C THR A 81 18.11 5.89 22.83
N ILE A 82 17.23 4.94 22.59
CA ILE A 82 15.91 5.21 21.99
C ILE A 82 15.09 5.94 23.05
N MET A 83 14.26 6.90 22.63
CA MET A 83 13.32 7.63 23.50
C MET A 83 11.97 7.77 22.82
N PRO A 84 10.92 8.13 23.59
CA PRO A 84 9.60 8.39 23.01
C PRO A 84 9.63 9.24 21.73
N LYS A 85 10.47 10.27 21.67
CA LYS A 85 10.47 11.18 20.51
C LYS A 85 10.97 10.42 19.27
N ASP A 86 11.85 9.45 19.44
CA ASP A 86 12.26 8.52 18.35
C ASP A 86 11.05 7.72 17.86
N ILE A 87 10.40 6.92 18.72
CA ILE A 87 9.19 6.11 18.35
C ILE A 87 8.17 7.03 17.64
N GLN A 88 8.03 8.26 18.11
CA GLN A 88 6.98 9.21 17.64
C GLN A 88 7.36 9.70 16.24
N LEU A 89 8.63 9.99 16.03
CA LEU A 89 9.09 10.47 14.71
C LEU A 89 8.96 9.34 13.69
N ALA A 90 9.32 8.10 14.08
CA ALA A 90 9.28 6.93 13.18
C ALA A 90 7.83 6.78 12.70
N ARG A 91 6.88 6.70 13.65
CA ARG A 91 5.43 6.57 13.39
C ARG A 91 4.97 7.73 12.48
N ARG A 92 5.48 8.94 12.68
CA ARG A 92 5.02 10.13 11.91
C ARG A 92 5.46 9.95 10.45
N ILE A 93 6.73 9.69 10.24
CA ILE A 93 7.21 9.55 8.85
C ILE A 93 6.64 8.29 8.18
N ARG A 94 6.36 7.22 8.92
CA ARG A 94 5.70 6.01 8.35
C ARG A 94 4.23 6.29 7.97
N GLY A 95 3.64 7.36 8.49
CA GLY A 95 2.23 7.72 8.21
C GLY A 95 1.24 7.01 9.13
N GLU A 96 1.63 6.63 10.35
CA GLU A 96 0.73 6.00 11.35
C GLU A 96 -0.07 7.07 12.12
N ARG A 97 0.34 8.35 12.09
CA ARG A 97 -0.47 9.50 12.59
C ARG A 97 0.25 10.80 12.21
N ALA A 98 -0.26 11.95 12.71
CA ALA A 98 0.29 13.33 12.61
C ALA A 98 0.81 13.64 11.19
N VAL B 6 -2.84 -9.79 44.42
CA VAL B 6 -1.85 -8.95 43.66
C VAL B 6 -2.31 -8.84 42.20
N LEU B 7 -3.23 -7.90 41.91
CA LEU B 7 -3.92 -7.74 40.59
C LEU B 7 -3.41 -6.49 39.85
N ARG B 8 -3.28 -6.56 38.51
CA ARG B 8 -2.77 -5.46 37.65
C ARG B 8 -3.47 -5.49 36.27
N ASP B 9 -3.37 -4.40 35.50
CA ASP B 9 -3.94 -4.25 34.13
C ASP B 9 -3.32 -5.26 33.17
N ASN B 10 -4.10 -5.76 32.21
CA ASN B 10 -3.64 -6.79 31.26
C ASN B 10 -2.47 -6.24 30.44
N ILE B 11 -2.52 -4.95 30.08
CA ILE B 11 -1.50 -4.27 29.23
C ILE B 11 -0.11 -4.35 29.91
N GLN B 12 -0.04 -4.24 31.23
CA GLN B 12 1.23 -4.25 32.00
C GLN B 12 1.75 -5.69 32.05
N GLY B 13 0.91 -6.66 31.67
CA GLY B 13 1.33 -8.03 31.35
C GLY B 13 2.37 -8.04 30.23
N ILE B 14 2.45 -6.93 29.47
CA ILE B 14 3.52 -6.71 28.46
C ILE B 14 4.67 -6.03 29.20
N THR B 15 5.61 -6.84 29.68
CA THR B 15 6.52 -6.48 30.77
C THR B 15 7.72 -5.79 30.18
N LYS B 16 8.42 -5.00 30.99
CA LYS B 16 9.73 -4.36 30.71
C LYS B 16 10.70 -5.34 30.05
N PRO B 17 10.93 -6.53 30.62
CA PRO B 17 11.91 -7.45 30.04
C PRO B 17 11.53 -7.97 28.64
N ALA B 18 10.24 -8.20 28.40
CA ALA B 18 9.69 -8.62 27.08
C ALA B 18 9.94 -7.48 26.07
N ILE B 19 9.51 -6.27 26.40
CA ILE B 19 9.66 -5.10 25.50
C ILE B 19 11.15 -4.88 25.21
N ARG B 20 11.99 -5.13 26.20
CA ARG B 20 13.48 -5.09 26.10
C ARG B 20 13.89 -6.12 25.03
N ARG B 21 13.30 -7.32 25.04
CA ARG B 21 13.70 -8.41 24.11
C ARG B 21 13.33 -8.00 22.68
N LEU B 22 12.15 -7.43 22.50
CA LEU B 22 11.66 -6.96 21.18
C LEU B 22 12.66 -5.92 20.68
N ALA B 23 12.93 -4.89 21.47
CA ALA B 23 13.93 -3.85 21.12
C ALA B 23 15.25 -4.51 20.72
N ARG B 24 15.63 -5.62 21.36
CA ARG B 24 16.98 -6.21 21.16
C ARG B 24 16.99 -6.88 19.79
N ARG B 25 15.91 -7.59 19.47
CA ARG B 25 15.79 -8.14 18.09
C ARG B 25 15.95 -7.00 17.07
N GLY B 26 15.43 -5.82 17.38
CA GLY B 26 15.50 -4.61 16.53
C GLY B 26 16.84 -3.91 16.58
N GLY B 27 17.83 -4.48 17.30
CA GLY B 27 19.22 -3.95 17.35
C GLY B 27 19.38 -2.72 18.22
N VAL B 28 18.49 -2.52 19.21
CA VAL B 28 18.58 -1.38 20.17
C VAL B 28 19.54 -1.75 21.32
N LYS B 29 20.46 -0.86 21.68
CA LYS B 29 21.50 -1.11 22.73
C LYS B 29 21.03 -0.56 24.10
N ARG B 30 20.52 0.66 24.08
CA ARG B 30 20.11 1.42 25.28
C ARG B 30 18.66 1.90 25.12
N ILE B 31 17.91 1.97 26.23
CA ILE B 31 16.43 2.16 26.25
C ILE B 31 16.11 3.09 27.42
N SER B 32 15.55 4.27 27.13
CA SER B 32 14.99 5.20 28.14
C SER B 32 13.79 4.51 28.80
N GLY B 33 13.56 4.80 30.08
CA GLY B 33 12.53 4.15 30.92
C GLY B 33 11.15 4.50 30.44
N LEU B 34 10.99 5.65 29.77
CA LEU B 34 9.67 6.08 29.25
C LEU B 34 9.20 5.15 28.12
N ILE B 35 10.13 4.55 27.37
CA ILE B 35 9.83 3.65 26.23
C ILE B 35 8.73 2.66 26.64
N TYR B 36 8.83 2.03 27.80
CA TYR B 36 7.98 0.85 28.15
C TYR B 36 6.51 1.24 28.09
N GLU B 37 6.12 2.40 28.58
CA GLU B 37 4.69 2.85 28.52
C GLU B 37 4.37 3.22 27.07
N GLU B 38 5.28 3.94 26.39
CA GLU B 38 5.10 4.37 24.98
C GLU B 38 4.89 3.13 24.11
N THR B 39 5.73 2.10 24.28
CA THR B 39 5.57 0.82 23.54
C THR B 39 4.20 0.21 23.79
N ARG B 40 3.76 0.09 25.05
CA ARG B 40 2.40 -0.39 25.40
C ARG B 40 1.37 0.44 24.64
N GLY B 41 1.53 1.76 24.60
CA GLY B 41 0.61 2.66 23.86
C GLY B 41 0.44 2.23 22.41
N VAL B 42 1.55 2.07 21.72
CA VAL B 42 1.63 1.67 20.29
C VAL B 42 1.02 0.29 20.10
N LEU B 43 1.49 -0.68 20.89
CA LEU B 43 0.95 -2.06 20.92
C LEU B 43 -0.59 -2.01 20.94
N LYS B 44 -1.16 -1.30 21.92
CA LYS B 44 -2.63 -1.26 22.14
C LYS B 44 -3.27 -0.86 20.82
N VAL B 45 -2.79 0.26 20.25
CA VAL B 45 -3.37 0.84 19.01
C VAL B 45 -3.28 -0.19 17.89
N PHE B 46 -2.14 -0.87 17.75
CA PHE B 46 -1.95 -1.92 16.71
C PHE B 46 -3.09 -2.93 16.88
N LEU B 47 -3.18 -3.53 18.07
CA LEU B 47 -4.14 -4.64 18.37
C LEU B 47 -5.57 -4.11 18.23
N GLU B 48 -5.82 -2.88 18.66
CA GLU B 48 -7.15 -2.24 18.47
C GLU B 48 -7.51 -2.29 16.99
N ASN B 49 -6.61 -1.81 16.13
CA ASN B 49 -6.95 -1.59 14.70
C ASN B 49 -7.19 -2.95 14.06
N VAL B 50 -6.38 -3.94 14.41
CA VAL B 50 -6.41 -5.26 13.73
C VAL B 50 -7.61 -6.03 14.25
N ILE B 51 -7.77 -6.07 15.57
CA ILE B 51 -8.82 -6.92 16.19
C ILE B 51 -10.19 -6.36 15.76
N ARG B 52 -10.33 -5.04 15.72
CA ARG B 52 -11.56 -4.39 15.20
C ARG B 52 -11.93 -4.97 13.84
N ASP B 53 -11.04 -4.87 12.87
CA ASP B 53 -11.35 -5.34 11.49
C ASP B 53 -11.63 -6.85 11.56
N ALA B 54 -10.90 -7.61 12.39
CA ALA B 54 -11.02 -9.09 12.44
C ALA B 54 -12.42 -9.42 12.90
N VAL B 55 -12.79 -8.79 14.01
CA VAL B 55 -14.11 -9.02 14.64
C VAL B 55 -15.20 -8.65 13.63
N THR B 56 -15.05 -7.51 12.94
CA THR B 56 -15.93 -7.12 11.81
C THR B 56 -16.07 -8.25 10.79
N TYR B 57 -15.00 -8.97 10.46
CA TYR B 57 -15.10 -10.17 9.60
C TYR B 57 -15.98 -11.18 10.33
N THR B 58 -15.62 -11.54 11.57
CA THR B 58 -16.36 -12.53 12.40
C THR B 58 -17.87 -12.23 12.37
N GLU B 59 -18.28 -11.01 12.71
CA GLU B 59 -19.71 -10.58 12.72
C GLU B 59 -20.33 -10.75 11.34
N HIS B 60 -19.58 -10.47 10.28
CA HIS B 60 -20.13 -10.60 8.92
C HIS B 60 -20.42 -12.08 8.64
N ALA B 61 -19.56 -13.00 9.09
CA ALA B 61 -19.74 -14.45 8.90
C ALA B 61 -20.71 -15.00 9.96
N LYS B 62 -21.31 -14.11 10.76
CA LYS B 62 -22.32 -14.47 11.81
C LYS B 62 -21.73 -15.53 12.75
N ARG B 63 -20.43 -15.46 13.05
CA ARG B 63 -19.74 -16.45 13.91
C ARG B 63 -19.57 -15.84 15.30
N LYS B 64 -19.26 -16.67 16.30
CA LYS B 64 -18.98 -16.15 17.66
C LYS B 64 -17.49 -16.37 17.97
N THR B 65 -16.79 -16.99 17.04
CA THR B 65 -15.36 -17.37 17.12
C THR B 65 -14.58 -16.57 16.06
N VAL B 66 -13.55 -15.85 16.48
CA VAL B 66 -12.59 -15.17 15.57
C VAL B 66 -11.66 -16.22 15.00
N THR B 67 -11.56 -16.34 13.66
CA THR B 67 -10.70 -17.35 12.99
C THR B 67 -9.32 -16.73 12.71
N ALA B 68 -8.32 -17.57 12.45
CA ALA B 68 -7.01 -17.13 11.91
C ALA B 68 -7.28 -16.29 10.66
N MET B 69 -8.20 -16.73 9.80
CA MET B 69 -8.48 -16.04 8.51
C MET B 69 -9.03 -14.65 8.79
N ASP B 70 -9.85 -14.50 9.85
CA ASP B 70 -10.44 -13.19 10.25
C ASP B 70 -9.28 -12.20 10.48
N VAL B 71 -8.20 -12.71 11.06
CA VAL B 71 -6.99 -11.96 11.48
C VAL B 71 -6.11 -11.73 10.24
N VAL B 72 -5.81 -12.80 9.50
CA VAL B 72 -5.00 -12.73 8.25
C VAL B 72 -5.67 -11.74 7.28
N TYR B 73 -6.99 -11.76 7.16
CA TYR B 73 -7.74 -10.85 6.26
C TYR B 73 -7.63 -9.41 6.78
N ALA B 74 -7.55 -9.25 8.09
CA ALA B 74 -7.49 -7.91 8.76
C ALA B 74 -6.09 -7.32 8.62
N LEU B 75 -5.08 -8.11 9.00
CA LEU B 75 -3.67 -7.80 8.75
C LEU B 75 -3.45 -7.43 7.26
N LYS B 76 -4.06 -8.14 6.31
CA LYS B 76 -3.82 -7.83 4.87
C LYS B 76 -4.33 -6.41 4.57
N ARG B 77 -5.56 -6.06 4.96
CA ARG B 77 -6.10 -4.71 4.61
C ARG B 77 -5.42 -3.58 5.40
N GLN B 78 -4.87 -3.87 6.59
CA GLN B 78 -4.12 -2.89 7.41
C GLN B 78 -2.68 -2.77 6.89
N GLY B 79 -2.29 -3.47 5.82
CA GLY B 79 -0.96 -3.33 5.19
C GLY B 79 0.14 -4.12 5.90
N ARG B 80 -0.25 -5.14 6.67
CA ARG B 80 0.66 -6.02 7.44
C ARG B 80 0.43 -7.47 7.02
N THR B 81 0.43 -7.74 5.72
CA THR B 81 0.20 -9.12 5.20
C THR B 81 1.10 -10.08 5.99
N LEU B 82 0.48 -11.12 6.53
CA LEU B 82 1.13 -12.24 7.25
C LEU B 82 0.98 -13.51 6.42
N TYR B 83 2.08 -14.22 6.29
CA TYR B 83 2.20 -15.55 5.64
C TYR B 83 2.26 -16.59 6.75
N GLY B 84 1.62 -17.74 6.53
CA GLY B 84 1.80 -18.95 7.35
C GLY B 84 0.58 -19.33 8.16
N PHE B 85 -0.53 -18.61 8.04
CA PHE B 85 -1.76 -18.90 8.84
C PHE B 85 -2.98 -19.06 7.94
N GLY B 86 -2.79 -19.27 6.63
CA GLY B 86 -3.86 -19.37 5.63
C GLY B 86 -3.88 -18.21 4.64
N GLY B 87 -4.76 -18.29 3.65
CA GLY B 87 -5.00 -17.19 2.70
C GLY B 87 -4.04 -17.27 1.55
N LYS C 1 -46.27 6.04 -15.06
CA LYS C 1 -45.83 5.77 -13.65
C LYS C 1 -44.44 5.12 -13.68
N ALA C 2 -43.48 5.78 -14.33
CA ALA C 2 -42.03 5.43 -14.32
C ALA C 2 -41.35 6.24 -13.21
N LYS C 3 -41.03 5.58 -12.10
CA LYS C 3 -40.22 6.10 -10.97
C LYS C 3 -38.77 5.62 -11.14
N THR C 4 -37.77 6.50 -10.97
CA THR C 4 -36.33 6.10 -10.87
C THR C 4 -36.06 5.54 -9.47
N ARG C 5 -35.17 4.56 -9.37
CA ARG C 5 -34.84 3.90 -8.08
C ARG C 5 -34.21 4.91 -7.11
N SER C 6 -33.55 5.93 -7.65
CA SER C 6 -33.11 7.13 -6.91
C SER C 6 -34.30 7.66 -6.11
N SER C 7 -35.34 8.14 -6.80
CA SER C 7 -36.57 8.72 -6.19
C SER C 7 -37.22 7.71 -5.24
N ARG C 8 -37.45 6.46 -5.65
CA ARG C 8 -37.96 5.40 -4.72
C ARG C 8 -37.19 5.47 -3.40
N ALA C 9 -35.87 5.65 -3.47
CA ALA C 9 -34.92 5.55 -2.33
C ALA C 9 -34.63 6.93 -1.71
N GLY C 10 -34.99 8.01 -2.39
CA GLY C 10 -34.92 9.39 -1.85
C GLY C 10 -33.51 9.90 -1.92
N LEU C 11 -32.90 9.75 -3.10
CA LEU C 11 -31.45 9.97 -3.34
C LEU C 11 -31.27 10.86 -4.58
N GLN C 12 -30.29 11.76 -4.54
CA GLN C 12 -29.84 12.55 -5.71
C GLN C 12 -28.99 11.65 -6.60
N PHE C 13 -28.26 10.73 -5.98
CA PHE C 13 -27.18 9.92 -6.62
C PHE C 13 -27.87 8.79 -7.37
N PRO C 14 -27.34 8.41 -8.56
CA PRO C 14 -28.06 7.54 -9.48
C PRO C 14 -27.92 6.05 -9.19
N VAL C 15 -28.99 5.40 -8.74
CA VAL C 15 -28.96 3.98 -8.28
C VAL C 15 -28.79 3.05 -9.48
N GLY C 16 -29.33 3.45 -10.64
CA GLY C 16 -29.22 2.68 -11.89
C GLY C 16 -27.75 2.55 -12.32
N ARG C 17 -27.13 3.69 -12.60
CA ARG C 17 -25.69 3.84 -12.91
C ARG C 17 -24.87 2.95 -11.96
N VAL C 18 -25.09 3.07 -10.65
CA VAL C 18 -24.29 2.37 -9.60
C VAL C 18 -24.54 0.86 -9.71
N HIS C 19 -25.78 0.46 -10.05
CA HIS C 19 -26.12 -0.97 -10.21
C HIS C 19 -25.27 -1.54 -11.34
N ARG C 20 -25.16 -0.73 -12.39
CA ARG C 20 -24.53 -1.11 -13.66
C ARG C 20 -23.03 -1.18 -13.47
N LEU C 21 -22.42 -0.15 -12.86
CA LEU C 21 -20.96 -0.13 -12.59
C LEU C 21 -20.60 -1.34 -11.68
N LEU C 22 -21.47 -1.78 -10.77
CA LEU C 22 -21.20 -2.97 -9.92
C LEU C 22 -21.26 -4.22 -10.81
N ARG C 23 -22.03 -4.15 -11.89
CA ARG C 23 -22.26 -5.26 -12.85
C ARG C 23 -21.02 -5.42 -13.72
N LYS C 24 -20.60 -4.33 -14.37
CA LYS C 24 -19.55 -4.31 -15.41
C LYS C 24 -18.15 -4.42 -14.78
N GLY C 25 -18.04 -4.24 -13.46
CA GLY C 25 -16.76 -4.17 -12.73
C GLY C 25 -16.35 -5.51 -12.16
N ASN C 26 -17.18 -6.54 -12.34
CA ASN C 26 -16.80 -7.95 -12.05
C ASN C 26 -16.38 -8.05 -10.61
N TYR C 27 -17.21 -7.56 -9.70
CA TYR C 27 -16.97 -7.60 -8.25
C TYR C 27 -17.52 -8.95 -7.75
N SER C 28 -18.54 -9.44 -8.46
CA SER C 28 -19.29 -10.66 -8.08
C SER C 28 -20.17 -11.12 -9.24
N GLU C 29 -20.53 -12.40 -9.20
CA GLU C 29 -21.47 -13.07 -10.15
C GLU C 29 -22.75 -12.25 -10.23
N ARG C 30 -23.34 -11.96 -9.05
CA ARG C 30 -24.70 -11.38 -8.88
C ARG C 30 -24.68 -10.22 -7.89
N VAL C 31 -25.61 -9.29 -8.07
CA VAL C 31 -25.71 -8.04 -7.28
C VAL C 31 -27.14 -7.90 -6.79
N GLY C 32 -27.30 -7.86 -5.46
CA GLY C 32 -28.57 -7.68 -4.74
C GLY C 32 -29.20 -6.32 -5.05
N ALA C 33 -30.51 -6.21 -4.82
CA ALA C 33 -31.34 -5.00 -5.06
C ALA C 33 -30.87 -3.90 -4.11
N GLY C 34 -30.56 -4.27 -2.86
CA GLY C 34 -30.16 -3.33 -1.79
C GLY C 34 -28.84 -2.64 -2.08
N ALA C 35 -27.83 -3.44 -2.48
CA ALA C 35 -26.42 -3.03 -2.71
C ALA C 35 -26.32 -1.69 -3.42
N PRO C 36 -26.83 -1.50 -4.67
CA PRO C 36 -26.67 -0.22 -5.36
C PRO C 36 -27.29 0.97 -4.63
N VAL C 37 -28.41 0.73 -3.96
CA VAL C 37 -29.14 1.77 -3.20
C VAL C 37 -28.27 2.19 -2.02
N TYR C 38 -27.82 1.24 -1.22
CA TYR C 38 -26.92 1.51 -0.07
C TYR C 38 -25.71 2.30 -0.56
N LEU C 39 -25.06 1.81 -1.63
CA LEU C 39 -23.75 2.34 -2.07
C LEU C 39 -23.96 3.77 -2.59
N ALA C 40 -25.03 4.01 -3.36
CA ALA C 40 -25.31 5.35 -3.94
C ALA C 40 -25.52 6.34 -2.79
N ALA C 41 -26.13 5.86 -1.70
CA ALA C 41 -26.49 6.67 -0.50
C ALA C 41 -25.23 7.06 0.26
N VAL C 42 -24.35 6.09 0.54
CA VAL C 42 -22.99 6.34 1.13
C VAL C 42 -22.16 7.33 0.27
N LEU C 43 -22.09 7.14 -1.04
CA LEU C 43 -21.33 8.04 -1.96
C LEU C 43 -21.91 9.45 -1.86
N GLU C 44 -23.25 9.57 -1.86
CA GLU C 44 -24.00 10.85 -1.70
C GLU C 44 -23.72 11.46 -0.33
N TYR C 45 -23.74 10.66 0.73
CA TYR C 45 -23.45 11.16 2.11
C TYR C 45 -22.06 11.81 2.07
N LEU C 46 -21.04 11.02 1.70
CA LEU C 46 -19.63 11.46 1.69
C LEU C 46 -19.46 12.70 0.80
N THR C 47 -20.10 12.77 -0.37
CA THR C 47 -19.90 13.97 -1.23
C THR C 47 -20.58 15.18 -0.56
N ALA C 48 -21.63 14.96 0.23
CA ALA C 48 -22.32 16.04 0.98
C ALA C 48 -21.43 16.60 2.10
N GLU C 49 -20.90 15.70 2.92
CA GLU C 49 -19.85 15.99 3.93
C GLU C 49 -18.71 16.83 3.31
N ILE C 50 -18.13 16.41 2.19
CA ILE C 50 -16.97 17.19 1.65
C ILE C 50 -17.48 18.56 1.16
N LEU C 51 -18.65 18.63 0.51
CA LEU C 51 -19.14 19.90 -0.09
C LEU C 51 -19.54 20.84 1.06
N GLU C 52 -19.99 20.29 2.20
CA GLU C 52 -20.36 21.16 3.35
C GLU C 52 -19.12 21.94 3.71
N LEU C 53 -18.01 21.22 3.96
CA LEU C 53 -16.78 21.77 4.56
C LEU C 53 -16.03 22.63 3.52
N ALA C 54 -16.02 22.23 2.26
CA ALA C 54 -15.40 23.03 1.17
C ALA C 54 -16.22 24.30 0.93
N GLY C 55 -17.54 24.19 0.82
CA GLY C 55 -18.44 25.36 0.92
C GLY C 55 -18.01 26.31 2.04
N ASN C 56 -17.67 25.81 3.22
CA ASN C 56 -17.33 26.72 4.33
C ASN C 56 -15.98 27.35 4.04
N ALA C 57 -15.06 26.59 3.46
CA ALA C 57 -13.71 27.12 3.17
C ALA C 57 -13.83 28.20 2.08
N ALA C 58 -14.70 27.98 1.10
CA ALA C 58 -15.00 28.98 0.04
C ALA C 58 -15.44 30.29 0.69
N ARG C 59 -16.45 30.25 1.56
CA ARG C 59 -17.04 31.44 2.23
C ARG C 59 -15.98 32.12 3.11
N ASP C 60 -15.18 31.34 3.85
CA ASP C 60 -14.13 31.88 4.77
C ASP C 60 -13.13 32.72 3.97
N ASN C 61 -12.78 32.30 2.74
CA ASN C 61 -11.80 32.97 1.86
C ASN C 61 -12.54 33.96 0.94
N LYS C 62 -13.76 34.37 1.33
CA LYS C 62 -14.53 35.49 0.73
C LYS C 62 -14.85 35.17 -0.72
N LYS C 63 -15.14 33.88 -1.01
CA LYS C 63 -15.39 33.33 -2.37
C LYS C 63 -16.70 32.54 -2.42
N THR C 64 -17.30 32.56 -3.60
CA THR C 64 -18.60 31.96 -3.98
C THR C 64 -18.39 30.60 -4.65
N ARG C 65 -17.27 30.41 -5.34
CA ARG C 65 -17.03 29.18 -6.16
C ARG C 65 -15.94 28.35 -5.46
N ILE C 66 -16.31 27.14 -5.00
CA ILE C 66 -15.38 26.06 -4.51
C ILE C 66 -14.34 25.76 -5.61
N ILE C 67 -13.05 25.93 -5.29
CA ILE C 67 -11.92 25.44 -6.13
C ILE C 67 -11.20 24.32 -5.38
N PRO C 68 -10.20 23.66 -6.02
CA PRO C 68 -9.46 22.56 -5.38
C PRO C 68 -8.80 22.94 -4.06
N ARG C 69 -8.30 24.18 -3.96
CA ARG C 69 -7.75 24.62 -2.65
C ARG C 69 -8.83 24.43 -1.58
N HIS C 70 -10.07 24.85 -1.84
CA HIS C 70 -11.14 24.76 -0.81
C HIS C 70 -11.32 23.29 -0.43
N LEU C 71 -11.25 22.38 -1.39
CA LEU C 71 -11.43 20.94 -1.07
C LEU C 71 -10.23 20.48 -0.22
N GLN C 72 -9.02 20.98 -0.51
CA GLN C 72 -7.82 20.49 0.22
C GLN C 72 -7.95 20.99 1.67
N LEU C 73 -8.24 22.27 1.86
CA LEU C 73 -8.47 22.85 3.21
C LEU C 73 -9.54 22.03 3.96
N ALA C 74 -10.65 21.73 3.31
CA ALA C 74 -11.76 20.97 3.96
C ALA C 74 -11.22 19.63 4.47
N ILE C 75 -10.62 18.87 3.56
CA ILE C 75 -10.23 17.46 3.75
C ILE C 75 -9.10 17.42 4.76
N ARG C 76 -8.14 18.31 4.64
CA ARG C 76 -6.94 18.22 5.50
C ARG C 76 -7.28 18.72 6.90
N ASN C 77 -8.32 19.54 7.08
CA ASN C 77 -8.65 20.13 8.40
C ASN C 77 -9.67 19.24 9.15
N ASP C 78 -10.06 18.12 8.56
CA ASP C 78 -11.02 17.17 9.14
C ASP C 78 -10.31 15.83 9.40
N GLU C 79 -10.11 15.49 10.66
CA GLU C 79 -9.33 14.31 11.07
C GLU C 79 -9.79 13.11 10.23
N GLU C 80 -11.11 12.90 10.06
CA GLU C 80 -11.65 11.66 9.45
C GLU C 80 -11.54 11.70 7.91
N LEU C 81 -11.84 12.81 7.26
CA LEU C 81 -11.70 12.87 5.78
C LEU C 81 -10.20 12.80 5.46
N ASN C 82 -9.40 13.51 6.22
CA ASN C 82 -7.91 13.42 6.11
C ASN C 82 -7.41 11.97 6.17
N LYS C 83 -7.92 11.13 7.07
CA LYS C 83 -7.52 9.71 7.13
C LYS C 83 -8.07 9.01 5.89
N LEU C 84 -9.37 9.18 5.61
CA LEU C 84 -9.96 8.45 4.45
C LEU C 84 -9.09 8.69 3.20
N LEU C 85 -8.55 9.90 3.06
CA LEU C 85 -7.85 10.35 1.83
C LEU C 85 -6.37 10.64 2.09
N GLY C 86 -5.74 9.86 2.97
CA GLY C 86 -4.38 10.15 3.47
C GLY C 86 -3.28 9.76 2.48
N ARG C 87 -3.60 8.91 1.50
CA ARG C 87 -2.74 8.52 0.35
C ARG C 87 -3.35 9.10 -0.95
N VAL C 88 -3.79 10.36 -0.96
CA VAL C 88 -4.48 10.95 -2.15
C VAL C 88 -3.95 12.37 -2.38
N THR C 89 -3.60 12.65 -3.59
CA THR C 89 -3.13 13.99 -3.94
C THR C 89 -4.28 14.71 -4.63
N ILE C 90 -4.60 15.90 -4.16
CA ILE C 90 -5.66 16.74 -4.77
C ILE C 90 -4.93 17.73 -5.65
N ALA C 91 -4.97 17.54 -6.95
CA ALA C 91 -4.34 18.46 -7.91
C ALA C 91 -4.78 19.90 -7.58
N GLN C 92 -3.84 20.83 -7.52
CA GLN C 92 -4.01 22.28 -7.30
C GLN C 92 -4.61 22.56 -5.90
N GLY C 93 -4.50 21.59 -5.00
CA GLY C 93 -4.79 21.78 -3.57
C GLY C 93 -3.79 22.65 -2.82
N GLY C 94 -2.49 22.48 -3.03
CA GLY C 94 -1.48 23.07 -2.12
C GLY C 94 -1.43 22.29 -0.79
N VAL C 95 -0.93 22.91 0.27
CA VAL C 95 -0.84 22.30 1.63
C VAL C 95 -1.44 23.22 2.71
N LEU C 96 -1.61 22.73 3.93
CA LEU C 96 -2.01 23.62 5.07
C LEU C 96 -0.86 24.52 5.44
N PRO C 97 -1.12 25.81 5.70
CA PRO C 97 -0.15 26.63 6.43
C PRO C 97 0.23 25.83 7.68
N ASN C 98 1.52 25.67 7.89
CA ASN C 98 2.10 24.96 9.04
C ASN C 98 3.61 25.19 9.03
N ILE C 99 4.10 25.98 9.98
CA ILE C 99 5.52 26.21 10.32
C ILE C 99 5.85 25.58 11.66
N GLN C 100 6.89 24.77 11.70
CA GLN C 100 7.37 24.15 12.94
C GLN C 100 7.77 25.29 13.86
N ALA C 101 7.40 25.20 15.15
CA ALA C 101 7.56 26.27 16.17
C ALA C 101 9.03 26.73 16.24
N VAL C 102 9.98 25.78 16.37
CA VAL C 102 11.43 26.09 16.52
C VAL C 102 11.89 27.01 15.39
N LEU C 103 11.18 27.07 14.26
CA LEU C 103 11.66 27.80 13.04
C LEU C 103 11.33 29.27 13.18
N LEU C 104 10.35 29.60 14.03
CA LEU C 104 9.95 31.00 14.29
C LEU C 104 11.00 31.72 15.11
N PRO C 105 11.22 33.03 14.84
CA PRO C 105 12.32 33.77 15.48
C PRO C 105 12.13 34.13 16.96
N LYS C 106 13.21 34.62 17.58
CA LYS C 106 13.28 35.43 18.84
C LYS C 106 13.03 34.55 20.08
N LYS C 107 13.13 35.16 21.27
CA LYS C 107 13.04 34.49 22.61
C LYS C 107 12.06 35.27 23.51
N ARG D 1 -17.33 12.59 -30.05
CA ARG D 1 -18.46 13.06 -29.21
C ARG D 1 -19.08 11.87 -28.46
N SER D 2 -18.32 10.80 -28.25
CA SER D 2 -18.78 9.59 -27.52
C SER D 2 -19.16 10.03 -26.10
N ARG D 3 -20.34 9.61 -25.63
CA ARG D 3 -20.91 10.04 -24.32
C ARG D 3 -19.95 9.55 -23.23
N LYS D 4 -19.13 10.45 -22.66
CA LYS D 4 -18.23 10.16 -21.51
C LYS D 4 -18.88 10.68 -20.22
N GLU D 5 -19.34 9.75 -19.38
CA GLU D 5 -20.29 10.03 -18.28
C GLU D 5 -19.49 10.34 -17.02
N SER D 6 -20.14 11.00 -16.05
CA SER D 6 -19.56 11.48 -14.77
C SER D 6 -20.67 11.59 -13.73
N TYR D 7 -20.31 11.92 -12.48
CA TYR D 7 -21.26 12.15 -11.35
C TYR D 7 -21.55 13.66 -11.19
N SER D 8 -21.07 14.51 -12.10
CA SER D 8 -21.21 16.00 -12.05
C SER D 8 -22.62 16.48 -11.65
N VAL D 9 -23.63 15.99 -12.36
CA VAL D 9 -25.05 16.44 -12.29
C VAL D 9 -25.51 16.27 -10.82
N TYR D 10 -25.23 15.10 -10.25
CA TYR D 10 -25.54 14.72 -8.86
C TYR D 10 -24.69 15.51 -7.87
N VAL D 11 -23.38 15.58 -8.09
CA VAL D 11 -22.51 16.39 -7.20
C VAL D 11 -23.13 17.79 -7.08
N TYR D 12 -23.60 18.35 -8.19
CA TYR D 12 -24.08 19.75 -8.25
C TYR D 12 -25.41 19.86 -7.51
N LYS D 13 -26.25 18.84 -7.66
CA LYS D 13 -27.52 18.77 -6.89
C LYS D 13 -27.16 18.90 -5.42
N VAL D 14 -26.28 18.03 -4.93
CA VAL D 14 -25.95 17.95 -3.47
C VAL D 14 -25.29 19.26 -3.04
N LEU D 15 -24.42 19.85 -3.86
CA LEU D 15 -23.87 21.19 -3.55
C LEU D 15 -25.03 22.15 -3.23
N LYS D 16 -26.08 22.19 -4.06
CA LYS D 16 -27.19 23.19 -3.95
C LYS D 16 -28.03 22.90 -2.70
N GLN D 17 -28.21 21.61 -2.35
CA GLN D 17 -28.85 21.20 -1.08
C GLN D 17 -28.11 21.75 0.14
N VAL D 18 -26.77 21.84 0.16
CA VAL D 18 -25.99 22.16 1.39
C VAL D 18 -25.54 23.63 1.38
N HIS D 19 -25.07 24.16 0.25
CA HIS D 19 -24.71 25.58 0.07
C HIS D 19 -25.43 26.18 -1.14
N PRO D 20 -26.71 26.62 -1.02
CA PRO D 20 -27.53 26.95 -2.18
C PRO D 20 -27.00 28.11 -3.01
N ASP D 21 -26.16 28.99 -2.48
CA ASP D 21 -25.62 30.13 -3.27
C ASP D 21 -24.18 29.87 -3.68
N THR D 22 -23.73 28.61 -3.74
CA THR D 22 -22.29 28.29 -3.94
C THR D 22 -22.08 27.54 -5.25
N GLY D 23 -21.02 27.92 -5.95
CA GLY D 23 -20.59 27.26 -7.20
C GLY D 23 -19.40 26.33 -7.00
N ILE D 24 -19.07 25.61 -8.07
CA ILE D 24 -17.89 24.71 -8.10
C ILE D 24 -17.21 24.85 -9.47
N SER D 25 -15.92 25.19 -9.47
CA SER D 25 -15.02 25.18 -10.66
C SER D 25 -15.01 23.79 -11.32
N SER D 26 -14.68 23.70 -12.62
CA SER D 26 -14.67 22.37 -13.29
C SER D 26 -13.49 21.52 -12.77
N LYS D 27 -12.39 22.14 -12.33
CA LYS D 27 -11.27 21.40 -11.67
C LYS D 27 -11.81 20.78 -10.39
N ALA D 28 -12.37 21.59 -9.50
CA ALA D 28 -12.98 21.11 -8.23
C ALA D 28 -13.96 19.99 -8.56
N MET D 29 -14.79 20.19 -9.56
CA MET D 29 -15.72 19.12 -9.97
C MET D 29 -14.92 17.90 -10.44
N GLY D 30 -13.79 18.09 -11.12
CA GLY D 30 -12.90 17.00 -11.54
C GLY D 30 -12.44 16.20 -10.32
N ILE D 31 -12.00 16.92 -9.29
CA ILE D 31 -11.64 16.28 -8.00
C ILE D 31 -12.80 15.51 -7.41
N MET D 32 -14.02 16.08 -7.40
CA MET D 32 -15.16 15.41 -6.74
C MET D 32 -15.46 14.12 -7.51
N ASN D 33 -15.37 14.19 -8.83
CA ASN D 33 -15.54 13.00 -9.70
C ASN D 33 -14.55 11.88 -9.38
N SER D 34 -13.27 12.22 -9.16
CA SER D 34 -12.21 11.25 -8.81
C SER D 34 -12.57 10.66 -7.45
N PHE D 35 -13.02 11.53 -6.53
CA PHE D 35 -13.35 11.15 -5.15
C PHE D 35 -14.42 10.07 -5.15
N VAL D 36 -15.48 10.30 -5.93
CA VAL D 36 -16.62 9.35 -6.02
C VAL D 36 -16.14 8.02 -6.62
N ASN D 37 -15.42 8.08 -7.74
CA ASN D 37 -14.97 6.83 -8.41
C ASN D 37 -14.03 6.03 -7.49
N ASP D 38 -13.16 6.71 -6.75
CA ASP D 38 -12.21 6.12 -5.79
C ASP D 38 -13.03 5.42 -4.68
N ILE D 39 -13.90 6.14 -3.98
CA ILE D 39 -14.60 5.52 -2.83
C ILE D 39 -15.44 4.35 -3.36
N PHE D 40 -16.06 4.56 -4.54
CA PHE D 40 -16.84 3.49 -5.22
C PHE D 40 -16.00 2.21 -5.28
N GLU D 41 -14.83 2.25 -5.96
CA GLU D 41 -13.87 1.11 -6.10
C GLU D 41 -13.47 0.52 -4.73
N ARG D 42 -13.02 1.33 -3.81
CA ARG D 42 -12.62 0.87 -2.47
C ARG D 42 -13.76 0.06 -1.84
N ILE D 43 -15.00 0.57 -1.89
CA ILE D 43 -16.14 -0.11 -1.21
C ILE D 43 -16.42 -1.40 -1.99
N ALA D 44 -16.57 -1.26 -3.31
CA ALA D 44 -16.92 -2.41 -4.19
C ALA D 44 -15.89 -3.52 -3.96
N GLY D 45 -14.59 -3.14 -3.96
CA GLY D 45 -13.45 -4.06 -3.79
C GLY D 45 -13.51 -4.79 -2.46
N GLU D 46 -13.68 -4.06 -1.36
CA GLU D 46 -13.82 -4.70 -0.03
C GLU D 46 -14.98 -5.69 -0.12
N ALA D 47 -16.12 -5.26 -0.69
CA ALA D 47 -17.36 -6.07 -0.79
C ALA D 47 -17.08 -7.35 -1.58
N SER D 48 -16.41 -7.21 -2.73
CA SER D 48 -16.13 -8.33 -3.67
C SER D 48 -15.37 -9.41 -2.90
N ARG D 49 -14.39 -8.95 -2.16
CA ARG D 49 -13.44 -9.75 -1.35
C ARG D 49 -14.20 -10.39 -0.19
N LEU D 50 -15.04 -9.58 0.46
CA LEU D 50 -15.87 -10.01 1.61
C LEU D 50 -16.69 -11.23 1.19
N ALA D 51 -17.33 -11.14 0.01
CA ALA D 51 -18.24 -12.18 -0.54
C ALA D 51 -17.42 -13.44 -0.85
N HIS D 52 -16.29 -13.30 -1.56
CA HIS D 52 -15.36 -14.43 -1.85
C HIS D 52 -14.93 -15.09 -0.54
N TYR D 53 -14.46 -14.31 0.43
CA TYR D 53 -14.06 -14.83 1.76
C TYR D 53 -15.18 -15.69 2.37
N ASN D 54 -16.44 -15.43 2.07
CA ASN D 54 -17.60 -16.16 2.65
C ASN D 54 -18.26 -17.08 1.59
N LYS D 55 -17.56 -17.43 0.51
CA LYS D 55 -18.05 -18.38 -0.53
C LYS D 55 -19.48 -17.99 -0.96
N ARG D 56 -19.76 -16.69 -1.08
CA ARG D 56 -21.04 -16.16 -1.62
C ARG D 56 -20.79 -15.68 -3.04
N SER D 57 -21.84 -15.59 -3.86
CA SER D 57 -21.78 -15.11 -5.27
C SER D 57 -22.60 -13.83 -5.46
N THR D 58 -23.09 -13.26 -4.36
CA THR D 58 -23.96 -12.06 -4.37
C THR D 58 -23.37 -11.01 -3.44
N ILE D 59 -23.26 -9.78 -3.96
CA ILE D 59 -23.00 -8.57 -3.16
C ILE D 59 -24.37 -7.98 -2.89
N THR D 60 -24.80 -8.06 -1.62
CA THR D 60 -26.02 -7.45 -1.06
C THR D 60 -25.66 -6.17 -0.29
N SER D 61 -26.65 -5.42 0.15
CA SER D 61 -26.47 -4.24 1.04
C SER D 61 -25.70 -4.66 2.31
N ARG D 62 -25.76 -5.93 2.70
CA ARG D 62 -25.06 -6.40 3.91
C ARG D 62 -23.55 -6.27 3.65
N GLU D 63 -23.08 -6.78 2.51
CA GLU D 63 -21.66 -6.72 2.09
C GLU D 63 -21.22 -5.25 1.93
N ILE D 64 -21.98 -4.40 1.23
CA ILE D 64 -21.70 -2.92 1.21
C ILE D 64 -21.54 -2.43 2.65
N GLN D 65 -22.44 -2.82 3.55
CA GLN D 65 -22.47 -2.22 4.90
C GLN D 65 -21.16 -2.55 5.61
N THR D 66 -20.76 -3.82 5.63
CA THR D 66 -19.50 -4.24 6.30
C THR D 66 -18.30 -3.54 5.66
N ALA D 67 -18.26 -3.47 4.32
CA ALA D 67 -17.23 -2.75 3.55
C ALA D 67 -17.09 -1.32 4.10
N VAL D 68 -18.21 -0.60 4.23
CA VAL D 68 -18.22 0.81 4.75
C VAL D 68 -17.59 0.79 6.16
N ARG D 69 -17.91 -0.22 6.98
CA ARG D 69 -17.40 -0.26 8.38
C ARG D 69 -15.88 -0.41 8.33
N LEU D 70 -15.35 -1.28 7.46
CA LEU D 70 -13.88 -1.48 7.30
C LEU D 70 -13.20 -0.23 6.71
N LEU D 71 -13.78 0.39 5.68
CA LEU D 71 -13.11 1.46 4.91
C LEU D 71 -13.24 2.83 5.56
N LEU D 72 -14.41 3.19 6.12
CA LEU D 72 -14.59 4.54 6.70
C LEU D 72 -14.16 4.53 8.16
N PRO D 73 -13.57 5.65 8.63
CA PRO D 73 -13.30 5.83 10.05
C PRO D 73 -14.56 6.19 10.84
N GLY D 74 -14.55 5.77 12.11
CA GLY D 74 -15.61 5.91 13.14
C GLY D 74 -16.83 6.68 12.68
N GLU D 75 -16.81 7.99 12.75
CA GLU D 75 -18.05 8.79 12.67
C GLU D 75 -18.58 8.70 11.25
N LEU D 76 -17.71 8.79 10.22
CA LEU D 76 -18.13 8.79 8.80
C LEU D 76 -18.87 7.47 8.52
N ALA D 77 -18.37 6.35 9.07
CA ALA D 77 -19.03 5.01 9.03
C ALA D 77 -20.43 5.09 9.69
N LYS D 78 -20.52 5.54 10.94
CA LYS D 78 -21.82 5.67 11.68
C LYS D 78 -22.85 6.33 10.76
N HIS D 79 -22.57 7.54 10.31
CA HIS D 79 -23.48 8.35 9.45
C HIS D 79 -23.73 7.69 8.10
N ALA D 80 -22.70 7.19 7.43
CA ALA D 80 -22.82 6.51 6.12
C ALA D 80 -23.74 5.29 6.27
N VAL D 81 -23.55 4.50 7.33
CA VAL D 81 -24.41 3.33 7.65
C VAL D 81 -25.88 3.75 7.85
N SER D 82 -26.10 4.91 8.48
CA SER D 82 -27.45 5.46 8.71
C SER D 82 -28.08 5.72 7.35
N GLU D 83 -27.40 6.51 6.52
CA GLU D 83 -27.99 7.06 5.27
C GLU D 83 -28.30 5.89 4.34
N GLY D 84 -27.45 4.86 4.39
CA GLY D 84 -27.59 3.64 3.60
C GLY D 84 -28.73 2.80 4.11
N THR D 85 -28.77 2.57 5.42
CA THR D 85 -29.81 1.71 6.05
C THR D 85 -31.18 2.35 5.76
N LYS D 86 -31.25 3.66 5.93
CA LYS D 86 -32.43 4.49 5.63
C LYS D 86 -32.80 4.35 4.16
N ALA D 87 -31.88 4.59 3.24
CA ALA D 87 -32.17 4.64 1.78
C ALA D 87 -32.77 3.30 1.33
N VAL D 88 -32.29 2.20 1.91
CA VAL D 88 -32.71 0.82 1.51
C VAL D 88 -34.12 0.57 2.04
N THR D 89 -34.24 0.52 3.36
CA THR D 89 -35.52 0.34 4.10
C THR D 89 -36.64 1.16 3.43
N LYS D 90 -36.33 2.39 3.03
CA LYS D 90 -37.25 3.28 2.27
C LYS D 90 -37.51 2.78 0.83
N TYR D 91 -36.47 2.54 0.05
CA TYR D 91 -36.55 1.91 -1.28
C TYR D 91 -37.41 0.62 -1.20
N THR D 92 -37.23 -0.24 -0.18
CA THR D 92 -37.95 -1.54 -0.04
C THR D 92 -39.43 -1.28 0.20
N SER D 93 -39.74 -0.46 1.20
CA SER D 93 -41.10 -0.09 1.65
C SER D 93 -41.65 1.08 0.79
N ALA D 94 -41.13 1.29 -0.42
CA ALA D 94 -41.70 2.18 -1.48
C ALA D 94 -42.05 1.35 -2.72
N LYS D 95 -42.62 0.16 -2.48
CA LYS D 95 -43.03 -0.82 -3.53
C LYS D 95 -44.23 -1.61 -2.97
N PRO E 1 20.55 51.53 2.68
CA PRO E 1 20.46 50.07 2.44
C PRO E 1 20.15 49.35 3.75
N HIS E 2 19.07 48.55 3.79
CA HIS E 2 18.61 47.82 5.01
C HIS E 2 18.31 46.37 4.65
N ARG E 3 18.97 45.46 5.36
CA ARG E 3 18.93 44.00 5.13
C ARG E 3 17.96 43.39 6.13
N TYR E 4 17.16 42.44 5.68
CA TYR E 4 16.53 41.41 6.53
C TYR E 4 17.62 40.45 7.02
N ARG E 5 17.55 40.07 8.29
CA ARG E 5 18.45 39.05 8.89
C ARG E 5 18.18 37.71 8.22
N PRO E 6 19.20 36.84 8.05
CA PRO E 6 18.98 35.47 7.60
C PRO E 6 17.83 34.81 8.36
N GLY E 7 16.83 34.31 7.62
CA GLY E 7 15.67 33.58 8.17
C GLY E 7 14.38 34.32 7.88
N THR E 8 14.45 35.63 7.73
CA THR E 8 13.23 36.48 7.70
C THR E 8 12.57 36.35 6.34
N VAL E 9 13.32 36.37 5.26
CA VAL E 9 12.76 36.16 3.89
C VAL E 9 12.39 34.67 3.77
N ALA E 10 13.17 33.77 4.37
CA ALA E 10 12.85 32.32 4.30
C ALA E 10 11.42 32.17 4.81
N LEU E 11 11.12 32.71 6.01
CA LEU E 11 9.78 32.53 6.65
C LEU E 11 8.72 33.18 5.77
N ARG E 12 9.01 34.37 5.23
CA ARG E 12 8.16 35.10 4.26
C ARG E 12 7.80 34.15 3.11
N GLU E 13 8.79 33.46 2.51
CA GLU E 13 8.60 32.50 1.41
C GLU E 13 7.73 31.31 1.88
N ILE E 14 7.98 30.76 3.07
CA ILE E 14 7.19 29.60 3.55
C ILE E 14 5.73 30.04 3.59
N ARG E 15 5.49 31.23 4.16
CA ARG E 15 4.09 31.76 4.29
C ARG E 15 3.49 31.81 2.88
N ARG E 16 4.28 32.25 1.91
CA ARG E 16 3.78 32.64 0.57
C ARG E 16 3.44 31.37 -0.18
N TYR E 17 4.38 30.43 -0.22
CA TYR E 17 4.20 29.18 -1.00
C TYR E 17 3.16 28.29 -0.29
N GLN E 18 3.01 28.36 1.03
CA GLN E 18 2.02 27.51 1.74
C GLN E 18 0.61 28.09 1.51
N LYS E 19 0.51 29.36 1.14
CA LYS E 19 -0.78 30.03 0.88
C LYS E 19 -1.29 29.63 -0.50
N SER E 20 -0.37 29.32 -1.43
CA SER E 20 -0.70 29.15 -2.86
C SER E 20 -0.58 27.68 -3.27
N THR E 21 -1.06 27.43 -4.48
CA THR E 21 -1.19 26.10 -5.12
C THR E 21 -0.51 26.02 -6.50
N GLU E 22 0.14 27.08 -6.99
CA GLU E 22 0.71 27.11 -8.37
C GLU E 22 1.88 26.15 -8.38
N LEU E 23 2.02 25.34 -9.42
CA LEU E 23 3.25 24.57 -9.65
C LEU E 23 4.45 25.51 -9.58
N LEU E 24 5.55 24.97 -9.02
CA LEU E 24 6.78 25.69 -8.61
C LEU E 24 7.97 25.34 -9.51
N ILE E 25 7.83 24.36 -10.38
CA ILE E 25 8.86 24.00 -11.39
C ILE E 25 8.38 24.59 -12.73
N ARG E 26 9.30 25.11 -13.54
CA ARG E 26 8.97 25.75 -14.84
C ARG E 26 8.34 24.66 -15.72
N LYS E 27 7.33 24.98 -16.53
CA LYS E 27 6.53 23.99 -17.28
C LYS E 27 7.47 23.25 -18.23
N LEU E 28 8.31 24.00 -18.94
CA LEU E 28 8.95 23.49 -20.18
C LEU E 28 10.15 22.61 -19.81
N PRO E 29 11.08 23.07 -18.95
CA PRO E 29 12.10 22.19 -18.40
C PRO E 29 11.55 20.83 -17.96
N PHE E 30 10.40 20.80 -17.27
CA PHE E 30 9.81 19.59 -16.65
C PHE E 30 9.35 18.68 -17.77
N GLN E 31 8.81 19.28 -18.83
CA GLN E 31 8.27 18.53 -20.01
C GLN E 31 9.43 17.81 -20.73
N ARG E 32 10.53 18.51 -20.96
CA ARG E 32 11.81 17.96 -21.50
C ARG E 32 12.29 16.77 -20.65
N LEU E 33 12.35 16.94 -19.34
CA LEU E 33 12.74 15.87 -18.40
C LEU E 33 11.80 14.68 -18.59
N VAL E 34 10.49 14.90 -18.71
CA VAL E 34 9.53 13.76 -18.89
C VAL E 34 9.83 13.08 -20.24
N ARG E 35 10.03 13.86 -21.29
CA ARG E 35 10.21 13.33 -22.66
C ARG E 35 11.54 12.56 -22.75
N GLU E 36 12.58 13.08 -22.10
CA GLU E 36 13.89 12.41 -22.01
C GLU E 36 13.79 11.03 -21.34
N ILE E 37 13.14 10.97 -20.19
CA ILE E 37 13.07 9.72 -19.37
C ILE E 37 12.21 8.72 -20.13
N ALA E 38 11.13 9.19 -20.73
CA ALA E 38 10.16 8.32 -21.42
C ALA E 38 10.90 7.76 -22.62
N GLN E 39 11.62 8.64 -23.32
CA GLN E 39 12.27 8.32 -24.61
C GLN E 39 13.29 7.21 -24.41
N ASP E 40 14.03 7.25 -23.31
CA ASP E 40 15.02 6.20 -22.91
C ASP E 40 14.32 4.88 -22.61
N PHE E 41 13.01 4.84 -22.30
CA PHE E 41 12.25 3.57 -22.11
C PHE E 41 11.59 3.12 -23.41
N LYS E 42 11.21 4.09 -24.27
CA LYS E 42 10.52 3.86 -25.57
C LYS E 42 10.63 5.12 -26.46
N THR E 43 11.11 4.91 -27.69
CA THR E 43 11.23 5.95 -28.72
C THR E 43 9.87 6.17 -29.37
N ASP E 44 9.66 7.33 -29.98
CA ASP E 44 8.43 7.62 -30.76
C ASP E 44 7.21 7.75 -29.84
N LEU E 45 7.38 8.08 -28.56
CA LEU E 45 6.23 8.34 -27.64
C LEU E 45 5.77 9.77 -27.84
N ARG E 46 4.46 9.99 -27.78
CA ARG E 46 3.86 11.32 -27.58
C ARG E 46 3.16 11.35 -26.22
N PHE E 47 2.76 12.55 -25.79
CA PHE E 47 2.09 12.79 -24.49
C PHE E 47 0.88 13.72 -24.66
N GLN E 48 -0.30 13.31 -24.18
CA GLN E 48 -1.42 14.23 -23.87
C GLN E 48 -0.85 15.36 -23.00
N SER E 49 -1.19 16.62 -23.23
CA SER E 49 -0.58 17.70 -22.41
C SER E 49 -0.95 17.45 -20.94
N SER E 50 -2.14 16.89 -20.69
CA SER E 50 -2.70 16.62 -19.34
C SER E 50 -1.84 15.57 -18.64
N ALA E 51 -1.26 14.66 -19.42
CA ALA E 51 -0.46 13.53 -18.88
C ALA E 51 0.77 14.09 -18.17
N VAL E 52 1.30 15.16 -18.74
CA VAL E 52 2.56 15.81 -18.27
C VAL E 52 2.19 16.62 -17.03
N MET E 53 1.09 17.37 -17.12
CA MET E 53 0.60 18.19 -15.99
C MET E 53 0.30 17.28 -14.79
N ALA E 54 -0.31 16.11 -15.02
CA ALA E 54 -0.57 15.08 -13.99
C ALA E 54 0.76 14.64 -13.34
N LEU E 55 1.75 14.26 -14.16
CA LEU E 55 3.12 13.97 -13.68
C LEU E 55 3.64 15.17 -12.89
N GLN E 56 3.52 16.38 -13.41
CA GLN E 56 4.12 17.53 -12.66
C GLN E 56 3.40 17.65 -11.31
N GLU E 57 2.06 17.57 -11.28
CA GLU E 57 1.22 17.67 -10.06
C GLU E 57 1.66 16.58 -9.08
N ALA E 58 1.79 15.34 -9.53
CA ALA E 58 2.21 14.18 -8.71
C ALA E 58 3.64 14.35 -8.19
N CYS E 59 4.60 14.88 -8.98
CA CYS E 59 6.03 15.06 -8.55
C CYS E 59 6.15 16.16 -7.47
N GLU E 60 5.51 17.30 -7.65
CA GLU E 60 5.60 18.44 -6.71
C GLU E 60 4.93 18.04 -5.40
N ALA E 61 3.79 17.39 -5.43
CA ALA E 61 3.11 16.92 -4.20
C ALA E 61 4.02 15.95 -3.44
N TYR E 62 4.76 15.14 -4.17
CA TYR E 62 5.66 14.12 -3.59
C TYR E 62 6.86 14.83 -2.95
N LEU E 63 7.48 15.75 -3.68
CA LEU E 63 8.69 16.45 -3.19
C LEU E 63 8.32 17.32 -2.00
N VAL E 64 7.18 17.99 -2.04
CA VAL E 64 6.70 18.84 -0.90
C VAL E 64 6.47 17.94 0.31
N GLY E 65 5.72 16.88 0.15
CA GLY E 65 5.59 15.86 1.19
C GLY E 65 6.93 15.48 1.76
N LEU E 66 7.92 15.23 0.90
CA LEU E 66 9.21 14.64 1.31
C LEU E 66 10.02 15.68 2.08
N PHE E 67 9.99 16.94 1.63
CA PHE E 67 10.59 18.06 2.38
C PHE E 67 9.97 18.23 3.77
N GLU E 68 8.65 18.06 3.95
CA GLU E 68 8.03 18.10 5.31
C GLU E 68 8.67 17.00 6.18
N ASP E 69 8.72 15.75 5.70
CA ASP E 69 9.31 14.64 6.49
C ASP E 69 10.80 14.97 6.70
N THR E 70 11.46 15.57 5.70
CA THR E 70 12.92 15.83 5.77
C THR E 70 13.18 16.85 6.87
N ASN E 71 12.39 17.91 6.90
CA ASN E 71 12.47 18.98 7.92
C ASN E 71 12.23 18.39 9.31
N LEU E 72 11.26 17.52 9.49
CA LEU E 72 11.09 16.84 10.80
C LEU E 72 12.40 16.11 11.13
N CYS E 73 13.02 15.44 10.17
CA CYS E 73 14.30 14.74 10.43
C CYS E 73 15.40 15.71 10.89
N ALA E 74 15.50 16.88 10.28
CA ALA E 74 16.53 17.89 10.63
C ALA E 74 16.25 18.39 12.05
N ILE E 75 15.00 18.72 12.31
CA ILE E 75 14.60 19.24 13.63
C ILE E 75 14.80 18.19 14.73
N HIS E 76 14.65 16.90 14.44
CA HIS E 76 14.88 15.82 15.43
C HIS E 76 16.34 15.81 15.86
N ALA E 77 17.23 16.17 14.94
CA ALA E 77 18.69 16.23 15.15
C ALA E 77 19.05 17.62 15.68
N LYS E 78 18.04 18.41 16.06
CA LYS E 78 18.24 19.74 16.70
C LYS E 78 18.90 20.74 15.75
N ARG E 79 18.79 20.52 14.44
CA ARG E 79 19.20 21.50 13.38
C ARG E 79 17.96 22.25 12.87
N VAL E 80 18.15 23.23 12.00
CA VAL E 80 17.04 23.87 11.22
C VAL E 80 17.35 23.86 9.72
N THR E 81 18.49 23.27 9.34
CA THR E 81 19.02 23.13 7.97
C THR E 81 18.83 21.69 7.51
N ILE E 82 18.07 21.48 6.46
CA ILE E 82 17.92 20.10 5.92
C ILE E 82 19.22 19.75 5.20
N MET E 83 19.62 18.48 5.26
CA MET E 83 20.83 17.95 4.61
C MET E 83 20.46 16.63 3.98
N PRO E 84 21.30 16.09 3.09
CA PRO E 84 21.01 14.81 2.43
C PRO E 84 20.60 13.72 3.43
N LYS E 85 21.28 13.68 4.55
CA LYS E 85 21.09 12.56 5.49
C LYS E 85 19.67 12.63 6.05
N ASP E 86 19.02 13.78 5.96
CA ASP E 86 17.61 13.96 6.40
C ASP E 86 16.72 13.32 5.33
N ILE E 87 16.94 13.64 4.07
CA ILE E 87 16.15 13.10 2.94
C ILE E 87 16.32 11.58 3.03
N GLN E 88 17.55 11.12 3.25
CA GLN E 88 17.87 9.67 3.19
C GLN E 88 17.11 8.94 4.29
N LEU E 89 17.02 9.54 5.46
CA LEU E 89 16.35 8.90 6.61
C LEU E 89 14.85 8.93 6.38
N ALA E 90 14.32 10.04 5.91
CA ALA E 90 12.88 10.12 5.58
C ALA E 90 12.52 8.97 4.64
N ARG E 91 13.27 8.80 3.54
CA ARG E 91 12.96 7.76 2.51
C ARG E 91 13.12 6.36 3.14
N ARG E 92 14.16 6.12 3.92
CA ARG E 92 14.37 4.81 4.59
C ARG E 92 13.16 4.50 5.50
N ILE E 93 12.69 5.45 6.30
CA ILE E 93 11.52 5.22 7.20
C ILE E 93 10.24 5.11 6.37
N ARG E 94 10.08 5.85 5.26
CA ARG E 94 8.87 5.73 4.37
C ARG E 94 8.91 4.38 3.66
N GLY E 95 10.02 3.65 3.81
CA GLY E 95 10.16 2.34 3.18
C GLY E 95 10.27 2.48 1.68
N GLU E 96 10.71 3.64 1.22
CA GLU E 96 10.99 3.97 -0.21
C GLU E 96 12.38 3.44 -0.53
N ARG E 97 13.02 2.85 0.46
CA ARG E 97 14.36 2.27 0.25
C ARG E 97 14.63 1.32 1.42
N ALA E 98 15.64 0.47 1.23
CA ALA E 98 16.20 -0.38 2.30
C ALA E 98 17.26 0.40 3.09
N LYS F 1 12.36 13.16 -43.05
CA LYS F 1 11.47 13.91 -42.10
C LYS F 1 12.33 14.92 -41.32
N ARG F 2 12.11 15.10 -40.01
CA ARG F 2 12.83 16.09 -39.17
C ARG F 2 13.63 15.40 -38.05
N HIS F 3 13.23 14.20 -37.61
CA HIS F 3 13.73 13.49 -36.40
C HIS F 3 13.81 14.51 -35.25
N ARG F 4 13.66 14.04 -34.03
CA ARG F 4 13.61 14.89 -32.81
C ARG F 4 15.02 15.36 -32.44
N LYS F 5 15.14 16.61 -32.01
CA LYS F 5 16.33 17.19 -31.31
C LYS F 5 16.71 16.32 -30.11
N VAL F 6 17.99 16.02 -29.95
CA VAL F 6 18.55 15.14 -28.88
C VAL F 6 18.30 15.79 -27.52
N LEU F 7 17.68 15.01 -26.64
CA LEU F 7 17.42 15.33 -25.23
C LEU F 7 18.53 14.74 -24.37
N ARG F 8 19.27 15.61 -23.68
CA ARG F 8 20.30 15.25 -22.69
C ARG F 8 20.22 16.27 -21.56
N ASP F 9 20.53 15.81 -20.34
CA ASP F 9 20.83 16.62 -19.13
C ASP F 9 19.64 17.47 -18.64
N ASN F 10 18.41 17.00 -18.85
CA ASN F 10 17.21 17.87 -18.65
C ASN F 10 16.92 18.04 -17.17
N ILE F 11 17.47 17.14 -16.35
CA ILE F 11 17.33 17.08 -14.87
C ILE F 11 17.85 18.40 -14.29
N GLN F 12 18.73 19.09 -15.00
CA GLN F 12 19.34 20.36 -14.51
C GLN F 12 18.41 21.53 -14.80
N GLY F 13 17.26 21.26 -15.44
CA GLY F 13 16.19 22.26 -15.63
C GLY F 13 15.44 22.46 -14.32
N ILE F 14 15.48 21.44 -13.44
CA ILE F 14 15.08 21.46 -12.01
C ILE F 14 16.11 22.28 -11.24
N THR F 15 15.97 23.59 -11.33
CA THR F 15 16.93 24.59 -10.84
C THR F 15 16.88 24.62 -9.33
N LYS F 16 17.97 25.08 -8.72
CA LYS F 16 18.10 25.34 -7.26
C LYS F 16 16.93 26.19 -6.76
N PRO F 17 16.59 27.35 -7.38
CA PRO F 17 15.41 28.12 -6.97
C PRO F 17 14.09 27.33 -6.98
N ALA F 18 13.84 26.49 -7.98
CA ALA F 18 12.60 25.69 -8.05
C ALA F 18 12.61 24.71 -6.88
N ILE F 19 13.79 24.22 -6.48
CA ILE F 19 13.89 23.25 -5.36
C ILE F 19 13.73 24.01 -4.05
N ARG F 20 14.13 25.28 -4.00
CA ARG F 20 13.97 26.11 -2.77
C ARG F 20 12.48 26.29 -2.53
N ARG F 21 11.76 26.70 -3.58
CA ARG F 21 10.29 26.93 -3.58
C ARG F 21 9.59 25.66 -3.09
N LEU F 22 9.87 24.51 -3.68
CA LEU F 22 9.24 23.25 -3.19
C LEU F 22 9.53 23.07 -1.69
N ALA F 23 10.75 23.29 -1.25
CA ALA F 23 11.14 23.08 0.17
C ALA F 23 10.32 24.02 1.06
N ARG F 24 10.13 25.26 0.62
CA ARG F 24 9.36 26.32 1.33
C ARG F 24 7.91 25.86 1.49
N ARG F 25 7.26 25.39 0.43
CA ARG F 25 5.91 24.80 0.58
C ARG F 25 5.95 23.71 1.64
N GLY F 26 7.08 23.02 1.77
CA GLY F 26 7.24 21.90 2.72
C GLY F 26 7.63 22.38 4.09
N GLY F 27 7.82 23.69 4.24
CA GLY F 27 8.03 24.39 5.54
C GLY F 27 9.47 24.47 5.95
N VAL F 28 10.40 24.34 5.01
CA VAL F 28 11.86 24.32 5.27
C VAL F 28 12.38 25.76 5.29
N LYS F 29 13.22 26.09 6.28
CA LYS F 29 13.76 27.44 6.53
C LYS F 29 15.22 27.54 6.07
N ARG F 30 16.02 26.48 6.21
CA ARG F 30 17.43 26.50 5.80
C ARG F 30 17.79 25.21 5.07
N ILE F 31 18.58 25.34 4.01
CA ILE F 31 18.88 24.28 2.99
C ILE F 31 20.39 24.22 2.75
N SER F 32 21.01 23.09 3.15
CA SER F 32 22.40 22.68 2.78
C SER F 32 22.60 22.75 1.26
N GLY F 33 23.77 23.14 0.80
CA GLY F 33 24.02 23.27 -0.66
C GLY F 33 23.99 21.94 -1.40
N LEU F 34 24.20 20.82 -0.70
CA LEU F 34 24.15 19.44 -1.27
C LEU F 34 22.73 18.96 -1.53
N ILE F 35 21.71 19.62 -0.95
CA ILE F 35 20.27 19.23 -1.07
C ILE F 35 19.87 19.24 -2.55
N TYR F 36 20.28 20.24 -3.33
CA TYR F 36 19.82 20.37 -4.75
C TYR F 36 20.11 19.11 -5.55
N GLU F 37 21.34 18.57 -5.53
CA GLU F 37 21.71 17.35 -6.29
C GLU F 37 21.00 16.13 -5.65
N GLU F 38 20.77 16.13 -4.35
CA GLU F 38 20.08 14.98 -3.73
C GLU F 38 18.62 14.99 -4.20
N THR F 39 17.99 16.15 -4.27
CA THR F 39 16.58 16.25 -4.73
C THR F 39 16.45 15.78 -6.20
N ARG F 40 17.32 16.26 -7.07
CA ARG F 40 17.37 15.81 -8.50
C ARG F 40 17.42 14.28 -8.57
N GLY F 41 18.26 13.65 -7.74
CA GLY F 41 18.38 12.19 -7.75
C GLY F 41 17.05 11.53 -7.44
N VAL F 42 16.43 11.98 -6.35
CA VAL F 42 15.14 11.47 -5.81
C VAL F 42 14.06 11.71 -6.85
N LEU F 43 14.02 12.90 -7.45
CA LEU F 43 12.98 13.23 -8.46
C LEU F 43 13.13 12.28 -9.66
N LYS F 44 14.36 12.08 -10.18
CA LYS F 44 14.61 11.21 -11.37
C LYS F 44 14.02 9.83 -11.06
N VAL F 45 14.30 9.30 -9.86
CA VAL F 45 13.87 7.92 -9.48
C VAL F 45 12.35 7.88 -9.43
N PHE F 46 11.73 8.95 -8.92
CA PHE F 46 10.26 9.00 -8.82
C PHE F 46 9.68 9.00 -10.24
N LEU F 47 10.13 9.92 -11.10
CA LEU F 47 9.61 10.04 -12.49
C LEU F 47 9.88 8.75 -13.27
N GLU F 48 11.08 8.19 -13.19
CA GLU F 48 11.36 6.91 -13.88
C GLU F 48 10.34 5.87 -13.45
N ASN F 49 10.06 5.75 -12.14
CA ASN F 49 9.13 4.67 -11.66
C ASN F 49 7.72 4.95 -12.19
N VAL F 50 7.27 6.19 -12.12
CA VAL F 50 5.89 6.50 -12.59
C VAL F 50 5.88 6.28 -14.10
N ILE F 51 6.85 6.84 -14.83
CA ILE F 51 6.78 6.81 -16.33
C ILE F 51 6.93 5.36 -16.83
N ARG F 52 7.79 4.57 -16.21
CA ARG F 52 7.93 3.14 -16.62
C ARG F 52 6.57 2.44 -16.52
N ASP F 53 5.77 2.75 -15.49
CA ASP F 53 4.46 2.07 -15.35
C ASP F 53 3.47 2.73 -16.31
N ALA F 54 3.50 4.06 -16.50
CA ALA F 54 2.61 4.74 -17.47
C ALA F 54 2.86 4.08 -18.82
N VAL F 55 4.12 4.04 -19.21
CA VAL F 55 4.45 3.63 -20.59
C VAL F 55 4.12 2.14 -20.75
N THR F 56 4.22 1.35 -19.68
CA THR F 56 3.77 -0.06 -19.78
C THR F 56 2.29 -0.07 -20.14
N TYR F 57 1.47 0.77 -19.52
CA TYR F 57 0.01 0.84 -19.83
C TYR F 57 -0.15 1.27 -21.30
N THR F 58 0.56 2.31 -21.73
CA THR F 58 0.57 2.80 -23.12
C THR F 58 0.86 1.61 -24.05
N GLU F 59 1.89 0.82 -23.77
CA GLU F 59 2.31 -0.26 -24.68
C GLU F 59 1.24 -1.36 -24.66
N HIS F 60 0.64 -1.63 -23.51
CA HIS F 60 -0.31 -2.76 -23.43
C HIS F 60 -1.56 -2.38 -24.23
N ALA F 61 -1.86 -1.09 -24.29
CA ALA F 61 -2.96 -0.51 -25.09
C ALA F 61 -2.59 -0.44 -26.58
N LYS F 62 -1.36 -0.75 -26.95
CA LYS F 62 -0.90 -0.65 -28.35
C LYS F 62 -1.07 0.78 -28.86
N ARG F 63 -0.89 1.78 -28.00
CA ARG F 63 -0.88 3.21 -28.40
C ARG F 63 0.56 3.70 -28.41
N LYS F 64 0.77 4.86 -29.00
CA LYS F 64 2.07 5.55 -29.11
C LYS F 64 2.01 6.85 -28.30
N THR F 65 0.83 7.16 -27.76
CA THR F 65 0.56 8.36 -26.96
C THR F 65 0.33 7.91 -25.52
N VAL F 66 1.07 8.49 -24.59
CA VAL F 66 0.80 8.37 -23.13
C VAL F 66 -0.32 9.35 -22.76
N THR F 67 -1.45 8.82 -22.29
CA THR F 67 -2.64 9.59 -21.81
C THR F 67 -2.49 9.94 -20.33
N ALA F 68 -3.18 10.99 -19.91
CA ALA F 68 -3.43 11.27 -18.49
C ALA F 68 -3.90 9.99 -17.76
N MET F 69 -4.72 9.13 -18.35
CA MET F 69 -5.20 7.92 -17.63
C MET F 69 -4.03 6.97 -17.36
N ASP F 70 -3.12 6.87 -18.31
CA ASP F 70 -1.93 6.00 -18.19
C ASP F 70 -1.18 6.40 -16.93
N VAL F 71 -0.90 7.70 -16.79
CA VAL F 71 -0.19 8.33 -15.65
C VAL F 71 -0.98 8.10 -14.35
N VAL F 72 -2.29 8.34 -14.38
CA VAL F 72 -3.18 8.20 -13.19
C VAL F 72 -3.15 6.74 -12.70
N TYR F 73 -3.10 5.79 -13.62
CA TYR F 73 -3.12 4.35 -13.32
C TYR F 73 -1.77 3.97 -12.73
N ALA F 74 -0.71 4.63 -13.22
CA ALA F 74 0.66 4.38 -12.75
C ALA F 74 0.77 4.90 -11.33
N LEU F 75 0.41 6.17 -11.13
CA LEU F 75 0.33 6.79 -9.79
C LEU F 75 -0.51 5.88 -8.87
N LYS F 76 -1.73 5.49 -9.22
CA LYS F 76 -2.55 4.64 -8.30
C LYS F 76 -1.70 3.41 -7.87
N ARG F 77 -1.08 2.71 -8.83
CA ARG F 77 -0.30 1.47 -8.62
C ARG F 77 0.79 1.68 -7.58
N GLN F 78 1.38 2.87 -7.62
CA GLN F 78 2.58 3.29 -6.85
C GLN F 78 2.15 3.76 -5.46
N GLY F 79 0.86 3.67 -5.11
CA GLY F 79 0.23 4.33 -3.93
C GLY F 79 0.43 5.85 -3.85
N ARG F 80 0.45 6.56 -4.98
CA ARG F 80 0.38 8.04 -5.04
C ARG F 80 -0.88 8.47 -5.79
N THR F 81 -2.03 7.89 -5.43
CA THR F 81 -3.33 8.21 -6.09
C THR F 81 -3.46 9.71 -6.26
N LEU F 82 -3.73 10.19 -7.48
CA LEU F 82 -3.95 11.63 -7.85
C LEU F 82 -5.41 11.81 -8.24
N TYR F 83 -6.10 12.81 -7.68
CA TYR F 83 -7.41 13.30 -8.12
C TYR F 83 -7.20 14.48 -9.06
N GLY F 84 -7.97 14.53 -10.16
CA GLY F 84 -8.19 15.74 -10.98
C GLY F 84 -7.87 15.55 -12.46
N PHE F 85 -7.70 14.32 -12.92
CA PHE F 85 -7.20 14.02 -14.28
C PHE F 85 -7.86 12.76 -14.87
N GLY F 86 -9.00 12.32 -14.29
CA GLY F 86 -9.80 11.19 -14.78
C GLY F 86 -9.75 9.99 -13.86
N GLY F 87 -10.47 8.92 -14.21
CA GLY F 87 -10.61 7.71 -13.37
C GLY F 87 -11.45 7.98 -12.13
N LYS G 1 -5.98 -41.60 -22.66
CA LYS G 1 -6.31 -40.58 -23.70
C LYS G 1 -6.05 -39.17 -23.14
N ALA G 2 -6.26 -38.94 -21.83
CA ALA G 2 -6.20 -37.63 -21.13
C ALA G 2 -4.75 -37.29 -20.72
N LYS G 3 -4.35 -36.03 -20.92
CA LYS G 3 -2.98 -35.52 -20.61
C LYS G 3 -3.07 -34.09 -20.03
N THR G 4 -2.83 -33.95 -18.72
CA THR G 4 -2.95 -32.68 -17.96
C THR G 4 -2.35 -31.51 -18.75
N ARG G 5 -3.07 -30.39 -18.79
CA ARG G 5 -2.60 -29.13 -19.42
C ARG G 5 -1.18 -28.81 -18.90
N SER G 6 -0.93 -29.08 -17.62
CA SER G 6 0.39 -28.96 -16.97
C SER G 6 1.44 -29.78 -17.75
N SER G 7 1.19 -31.08 -17.96
CA SER G 7 2.14 -32.02 -18.61
C SER G 7 2.43 -31.56 -20.05
N ARG G 8 1.43 -31.03 -20.74
CA ARG G 8 1.64 -30.39 -22.06
C ARG G 8 2.55 -29.17 -21.99
N ALA G 9 2.42 -28.35 -20.94
CA ALA G 9 3.06 -27.02 -20.82
C ALA G 9 4.48 -27.13 -20.26
N GLY G 10 4.77 -28.24 -19.54
CA GLY G 10 6.10 -28.56 -19.03
C GLY G 10 6.26 -28.21 -17.56
N LEU G 11 5.15 -28.21 -16.82
CA LEU G 11 5.02 -27.56 -15.49
C LEU G 11 4.56 -28.58 -14.44
N GLN G 12 5.06 -28.40 -13.22
CA GLN G 12 4.65 -29.13 -11.99
C GLN G 12 3.37 -28.47 -11.47
N PHE G 13 3.23 -27.16 -11.67
CA PHE G 13 2.11 -26.38 -11.10
C PHE G 13 0.86 -26.73 -11.89
N PRO G 14 -0.30 -26.77 -11.22
CA PRO G 14 -1.55 -27.22 -11.83
C PRO G 14 -2.25 -26.14 -12.69
N VAL G 15 -2.05 -26.21 -14.02
CA VAL G 15 -2.68 -25.31 -15.04
C VAL G 15 -4.20 -25.33 -14.91
N GLY G 16 -4.77 -26.50 -14.58
CA GLY G 16 -6.22 -26.69 -14.44
C GLY G 16 -6.76 -25.89 -13.28
N ARG G 17 -6.18 -26.09 -12.09
CA ARG G 17 -6.57 -25.38 -10.85
C ARG G 17 -6.45 -23.87 -11.07
N VAL G 18 -5.33 -23.39 -11.61
CA VAL G 18 -5.10 -21.94 -11.83
C VAL G 18 -6.19 -21.38 -12.73
N HIS G 19 -6.62 -22.14 -13.75
CA HIS G 19 -7.70 -21.71 -14.67
C HIS G 19 -9.00 -21.56 -13.86
N ARG G 20 -9.38 -22.57 -13.08
CA ARG G 20 -10.60 -22.55 -12.24
C ARG G 20 -10.52 -21.38 -11.24
N LEU G 21 -9.37 -21.14 -10.57
CA LEU G 21 -9.23 -20.06 -9.57
C LEU G 21 -9.39 -18.69 -10.27
N LEU G 22 -8.93 -18.56 -11.51
CA LEU G 22 -9.16 -17.36 -12.36
C LEU G 22 -10.66 -17.21 -12.69
N ARG G 23 -11.40 -18.31 -12.92
CA ARG G 23 -12.89 -18.26 -13.14
C ARG G 23 -13.58 -17.83 -11.84
N LYS G 24 -13.43 -18.62 -10.75
CA LYS G 24 -14.19 -18.46 -9.48
C LYS G 24 -13.76 -17.16 -8.77
N GLY G 25 -12.92 -16.35 -9.40
CA GLY G 25 -12.27 -15.18 -8.77
C GLY G 25 -12.77 -13.84 -9.29
N ASN G 26 -13.64 -13.82 -10.30
CA ASN G 26 -14.31 -12.58 -10.79
C ASN G 26 -13.21 -11.60 -11.19
N TYR G 27 -12.26 -12.03 -11.99
CA TYR G 27 -11.18 -11.18 -12.56
C TYR G 27 -11.70 -10.65 -13.92
N SER G 28 -12.47 -11.45 -14.64
CA SER G 28 -12.99 -11.12 -15.99
C SER G 28 -14.10 -12.10 -16.37
N GLU G 29 -14.95 -11.73 -17.33
CA GLU G 29 -15.97 -12.66 -17.88
C GLU G 29 -15.25 -13.90 -18.43
N ARG G 30 -14.24 -13.70 -19.28
CA ARG G 30 -13.58 -14.78 -20.07
C ARG G 30 -12.07 -14.84 -19.77
N VAL G 31 -11.48 -16.01 -20.04
CA VAL G 31 -10.09 -16.41 -19.67
C VAL G 31 -9.44 -17.13 -20.85
N GLY G 32 -8.59 -16.43 -21.61
CA GLY G 32 -7.70 -16.96 -22.67
C GLY G 32 -7.07 -18.29 -22.30
N ALA G 33 -6.83 -19.14 -23.29
CA ALA G 33 -6.32 -20.52 -23.13
C ALA G 33 -4.95 -20.49 -22.42
N GLY G 34 -4.11 -19.51 -22.78
CA GLY G 34 -2.71 -19.41 -22.34
C GLY G 34 -2.58 -18.80 -20.95
N ALA G 35 -3.45 -17.85 -20.63
CA ALA G 35 -3.37 -17.04 -19.39
C ALA G 35 -3.03 -17.94 -18.18
N PRO G 36 -3.76 -19.04 -17.92
CA PRO G 36 -3.44 -19.94 -16.80
C PRO G 36 -2.15 -20.75 -16.93
N VAL G 37 -1.66 -20.98 -18.14
CA VAL G 37 -0.36 -21.65 -18.40
C VAL G 37 0.76 -20.70 -17.92
N TYR G 38 0.77 -19.49 -18.49
CA TYR G 38 1.69 -18.37 -18.12
C TYR G 38 1.69 -18.21 -16.59
N LEU G 39 0.51 -17.91 -16.01
CA LEU G 39 0.38 -17.63 -14.57
C LEU G 39 0.99 -18.80 -13.80
N ALA G 40 0.70 -20.03 -14.17
CA ALA G 40 1.22 -21.21 -13.44
C ALA G 40 2.74 -21.28 -13.57
N ALA G 41 3.29 -20.91 -14.73
CA ALA G 41 4.75 -20.87 -14.96
C ALA G 41 5.37 -19.84 -14.01
N VAL G 42 4.81 -18.62 -13.99
CA VAL G 42 5.34 -17.50 -13.15
C VAL G 42 5.34 -17.97 -11.69
N LEU G 43 4.28 -18.62 -11.24
CA LEU G 43 4.18 -19.02 -9.81
C LEU G 43 5.21 -20.13 -9.56
N GLU G 44 5.51 -20.95 -10.57
CA GLU G 44 6.46 -22.08 -10.40
C GLU G 44 7.87 -21.50 -10.33
N TYR G 45 8.18 -20.63 -11.29
CA TYR G 45 9.48 -19.94 -11.34
C TYR G 45 9.71 -19.35 -9.94
N LEU G 46 8.80 -18.48 -9.48
CA LEU G 46 9.06 -17.68 -8.26
C LEU G 46 9.23 -18.66 -7.10
N THR G 47 8.45 -19.74 -7.08
CA THR G 47 8.57 -20.83 -6.08
C THR G 47 9.95 -21.50 -6.15
N ALA G 48 10.48 -21.71 -7.36
CA ALA G 48 11.83 -22.30 -7.57
C ALA G 48 12.86 -21.35 -6.97
N GLU G 49 12.81 -20.09 -7.42
CA GLU G 49 13.74 -19.03 -6.99
C GLU G 49 13.81 -19.05 -5.44
N ILE G 50 12.66 -18.98 -4.76
CA ILE G 50 12.61 -18.92 -3.27
C ILE G 50 13.12 -20.25 -2.65
N LEU G 51 12.83 -21.40 -3.26
CA LEU G 51 13.24 -22.71 -2.67
C LEU G 51 14.73 -22.96 -2.95
N GLU G 52 15.22 -22.55 -4.13
CA GLU G 52 16.67 -22.42 -4.42
C GLU G 52 17.31 -21.79 -3.19
N LEU G 53 17.12 -20.48 -2.99
CA LEU G 53 17.91 -19.61 -2.08
C LEU G 53 17.67 -20.06 -0.62
N ALA G 54 16.49 -20.58 -0.33
CA ALA G 54 16.11 -21.09 0.99
C ALA G 54 16.89 -22.36 1.24
N GLY G 55 16.91 -23.23 0.23
CA GLY G 55 17.75 -24.44 0.23
C GLY G 55 19.17 -24.11 0.60
N ASN G 56 19.81 -23.19 -0.14
CA ASN G 56 21.19 -22.72 0.10
C ASN G 56 21.31 -22.35 1.58
N ALA G 57 20.38 -21.54 2.07
CA ALA G 57 20.44 -20.99 3.44
C ALA G 57 20.37 -22.15 4.43
N ALA G 58 19.51 -23.12 4.14
CA ALA G 58 19.25 -24.31 4.99
C ALA G 58 20.54 -25.15 5.11
N ARG G 59 21.10 -25.54 3.97
CA ARG G 59 22.45 -26.17 3.86
C ARG G 59 23.45 -25.41 4.74
N ASP G 60 23.61 -24.09 4.58
CA ASP G 60 24.64 -23.28 5.30
C ASP G 60 24.51 -23.49 6.81
N ASN G 61 23.30 -23.49 7.36
CA ASN G 61 23.07 -23.77 8.81
C ASN G 61 23.20 -25.27 9.08
N LYS G 62 23.90 -26.04 8.24
CA LYS G 62 24.20 -27.48 8.44
C LYS G 62 22.88 -28.25 8.57
N LYS G 63 21.89 -27.91 7.75
CA LYS G 63 20.49 -28.41 7.86
C LYS G 63 19.96 -28.87 6.50
N THR G 64 19.14 -29.93 6.50
CA THR G 64 18.56 -30.55 5.28
C THR G 64 17.04 -30.29 5.17
N ARG G 65 16.42 -29.69 6.19
CA ARG G 65 14.97 -29.34 6.17
C ARG G 65 14.73 -27.82 6.21
N ILE G 66 14.17 -27.25 5.12
CA ILE G 66 13.84 -25.80 5.01
C ILE G 66 12.85 -25.47 6.15
N ILE G 67 13.14 -24.43 6.93
CA ILE G 67 12.18 -23.84 7.90
C ILE G 67 11.97 -22.36 7.57
N PRO G 68 10.95 -21.71 8.17
CA PRO G 68 10.67 -20.30 7.92
C PRO G 68 11.92 -19.42 8.03
N ARG G 69 12.74 -19.65 9.04
CA ARG G 69 13.99 -18.87 9.23
C ARG G 69 14.77 -18.87 7.91
N HIS G 70 14.79 -20.03 7.23
CA HIS G 70 15.57 -20.20 5.97
C HIS G 70 14.90 -19.41 4.85
N LEU G 71 13.56 -19.44 4.79
CA LEU G 71 12.77 -18.61 3.87
C LEU G 71 13.08 -17.14 4.11
N GLN G 72 13.01 -16.68 5.37
CA GLN G 72 13.22 -15.25 5.69
C GLN G 72 14.65 -14.87 5.27
N LEU G 73 15.65 -15.73 5.48
CA LEU G 73 17.04 -15.33 5.16
C LEU G 73 17.22 -15.18 3.64
N ALA G 74 16.67 -16.13 2.87
CA ALA G 74 16.75 -16.13 1.40
C ALA G 74 16.14 -14.83 0.85
N ILE G 75 14.96 -14.48 1.35
CA ILE G 75 14.15 -13.35 0.82
C ILE G 75 14.83 -12.04 1.21
N ARG G 76 15.18 -11.89 2.48
CA ARG G 76 15.68 -10.58 2.99
C ARG G 76 17.13 -10.40 2.55
N ASN G 77 17.79 -11.46 2.07
CA ASN G 77 19.14 -11.37 1.45
C ASN G 77 19.09 -11.27 -0.09
N ASP G 78 17.93 -11.01 -0.69
CA ASP G 78 17.80 -10.86 -2.16
C ASP G 78 17.11 -9.53 -2.48
N GLU G 79 17.82 -8.57 -3.07
CA GLU G 79 17.32 -7.19 -3.30
C GLU G 79 15.89 -7.36 -3.84
N GLU G 80 15.69 -8.29 -4.80
CA GLU G 80 14.48 -8.36 -5.67
C GLU G 80 13.31 -9.01 -4.93
N LEU G 81 13.52 -10.18 -4.31
CA LEU G 81 12.47 -10.85 -3.50
C LEU G 81 12.10 -9.96 -2.31
N ASN G 82 13.10 -9.38 -1.64
CA ASN G 82 12.90 -8.46 -0.50
C ASN G 82 11.98 -7.32 -0.96
N LYS G 83 12.12 -6.77 -2.19
CA LYS G 83 11.24 -5.66 -2.67
C LYS G 83 9.82 -6.23 -2.88
N LEU G 84 9.73 -7.37 -3.57
CA LEU G 84 8.44 -8.02 -3.92
C LEU G 84 7.64 -8.36 -2.66
N LEU G 85 8.34 -8.58 -1.54
CA LEU G 85 7.77 -8.99 -0.24
C LEU G 85 8.08 -7.97 0.85
N GLY G 86 8.33 -6.73 0.45
CA GLY G 86 8.62 -5.61 1.36
C GLY G 86 7.56 -5.37 2.41
N ARG G 87 6.28 -5.66 2.13
CA ARG G 87 5.12 -5.39 3.02
C ARG G 87 4.56 -6.74 3.50
N VAL G 88 5.43 -7.74 3.77
CA VAL G 88 5.00 -9.13 4.09
C VAL G 88 5.73 -9.66 5.33
N THR G 89 5.00 -10.28 6.23
CA THR G 89 5.59 -10.91 7.44
C THR G 89 5.63 -12.43 7.27
N ILE G 90 6.82 -12.97 7.20
CA ILE G 90 7.01 -14.46 7.26
C ILE G 90 6.97 -14.87 8.74
N ALA G 91 5.89 -15.49 9.19
CA ALA G 91 5.77 -15.97 10.59
C ALA G 91 6.99 -16.81 10.93
N GLN G 92 7.57 -16.62 12.11
CA GLN G 92 8.67 -17.46 12.66
C GLN G 92 9.95 -17.29 11.85
N GLY G 93 10.10 -16.15 11.16
CA GLY G 93 11.28 -15.87 10.33
C GLY G 93 12.40 -15.15 11.06
N GLY G 94 12.11 -14.47 12.18
CA GLY G 94 13.05 -13.53 12.80
C GLY G 94 13.44 -12.43 11.82
N VAL G 95 14.66 -11.91 11.99
CA VAL G 95 15.24 -10.79 11.20
C VAL G 95 16.66 -11.18 10.81
N LEU G 96 17.30 -10.36 9.97
CA LEU G 96 18.75 -10.46 9.66
C LEU G 96 19.55 -9.89 10.83
N PRO G 97 20.65 -10.56 11.21
CA PRO G 97 21.64 -9.97 12.10
C PRO G 97 22.13 -8.65 11.52
N ASN G 98 21.91 -7.55 12.24
CA ASN G 98 22.26 -6.18 11.82
C ASN G 98 22.45 -5.39 13.11
N ILE G 99 23.69 -5.05 13.43
CA ILE G 99 24.00 -4.06 14.50
C ILE G 99 24.55 -2.80 13.84
N GLN G 100 23.90 -1.66 14.07
CA GLN G 100 24.41 -0.37 13.58
C GLN G 100 25.85 -0.24 14.09
N ALA G 101 26.78 0.09 13.19
CA ALA G 101 28.24 0.25 13.45
C ALA G 101 28.51 1.07 14.72
N VAL G 102 27.80 2.18 14.92
CA VAL G 102 28.06 3.12 16.04
C VAL G 102 27.71 2.46 17.39
N LEU G 103 26.97 1.35 17.38
CA LEU G 103 26.59 0.61 18.61
C LEU G 103 27.68 -0.41 19.00
N LEU G 104 28.72 -0.61 18.20
CA LEU G 104 29.85 -1.53 18.54
C LEU G 104 30.78 -0.88 19.56
N PRO G 105 31.34 -1.70 20.50
CA PRO G 105 32.15 -1.16 21.59
C PRO G 105 33.43 -0.60 20.97
N LYS G 106 34.21 0.17 21.74
CA LYS G 106 35.36 0.99 21.25
C LYS G 106 36.65 0.17 21.17
N LYS G 107 36.96 -0.65 22.19
CA LYS G 107 38.09 -1.62 22.18
C LYS G 107 37.97 -2.59 23.36
N ARG H 1 -14.72 -32.92 7.41
CA ARG H 1 -14.10 -34.00 6.57
C ARG H 1 -14.17 -33.62 5.08
N SER H 2 -14.07 -32.34 4.73
CA SER H 2 -14.16 -31.86 3.31
C SER H 2 -12.77 -31.43 2.81
N ARG H 3 -12.62 -31.33 1.49
CA ARG H 3 -11.31 -31.18 0.84
C ARG H 3 -10.84 -29.74 1.07
N LYS H 4 -9.64 -29.61 1.63
CA LYS H 4 -8.92 -28.32 1.88
C LYS H 4 -7.71 -28.32 0.93
N GLU H 5 -7.89 -27.73 -0.26
CA GLU H 5 -6.84 -27.64 -1.30
C GLU H 5 -5.67 -26.78 -0.84
N SER H 6 -4.51 -27.03 -1.43
CA SER H 6 -3.30 -26.19 -1.27
C SER H 6 -2.41 -26.39 -2.49
N TYR H 7 -1.27 -25.71 -2.50
CA TYR H 7 -0.24 -25.82 -3.55
C TYR H 7 0.88 -26.75 -3.07
N SER H 8 0.73 -27.44 -1.92
CA SER H 8 1.83 -28.20 -1.24
C SER H 8 2.49 -29.18 -2.20
N VAL H 9 1.69 -29.98 -2.87
CA VAL H 9 2.15 -31.06 -3.78
C VAL H 9 3.10 -30.45 -4.83
N TYR H 10 2.79 -29.24 -5.31
CA TYR H 10 3.59 -28.58 -6.39
C TYR H 10 4.87 -27.98 -5.82
N VAL H 11 4.74 -27.22 -4.73
CA VAL H 11 5.88 -26.68 -3.95
C VAL H 11 6.89 -27.81 -3.71
N TYR H 12 6.40 -29.01 -3.40
CA TYR H 12 7.26 -30.17 -3.02
C TYR H 12 7.96 -30.76 -4.26
N LYS H 13 7.24 -30.86 -5.38
CA LYS H 13 7.87 -31.23 -6.66
C LYS H 13 8.97 -30.21 -6.97
N VAL H 14 8.67 -28.91 -6.97
CA VAL H 14 9.68 -27.86 -7.36
C VAL H 14 10.85 -27.95 -6.38
N LEU H 15 10.61 -28.22 -5.11
CA LEU H 15 11.71 -28.36 -4.11
C LEU H 15 12.66 -29.48 -4.51
N LYS H 16 12.11 -30.58 -4.99
CA LYS H 16 12.89 -31.81 -5.27
C LYS H 16 13.69 -31.64 -6.57
N GLN H 17 13.16 -30.89 -7.53
CA GLN H 17 13.92 -30.48 -8.73
C GLN H 17 15.09 -29.60 -8.31
N VAL H 18 14.89 -28.70 -7.35
CA VAL H 18 15.85 -27.62 -7.04
C VAL H 18 16.84 -28.11 -5.98
N HIS H 19 16.37 -28.83 -4.96
CA HIS H 19 17.20 -29.35 -3.84
C HIS H 19 16.78 -30.78 -3.54
N PRO H 20 17.27 -31.76 -4.33
CA PRO H 20 16.74 -33.11 -4.31
C PRO H 20 16.89 -33.77 -2.92
N ASP H 21 17.92 -33.38 -2.17
CA ASP H 21 18.21 -34.01 -0.86
C ASP H 21 17.50 -33.25 0.27
N THR H 22 16.79 -32.17 -0.03
CA THR H 22 16.33 -31.18 0.99
C THR H 22 14.84 -31.38 1.30
N GLY H 23 14.46 -31.29 2.58
CA GLY H 23 13.05 -31.36 3.03
C GLY H 23 12.45 -29.99 3.29
N ILE H 24 11.26 -29.94 3.88
CA ILE H 24 10.60 -28.64 4.20
C ILE H 24 9.61 -28.87 5.34
N SER H 25 9.65 -28.01 6.36
CA SER H 25 8.77 -28.07 7.56
C SER H 25 7.34 -27.74 7.16
N SER H 26 6.40 -28.08 8.04
CA SER H 26 4.96 -27.79 7.88
C SER H 26 4.73 -26.28 7.86
N LYS H 27 5.36 -25.56 8.79
CA LYS H 27 5.23 -24.09 8.89
C LYS H 27 5.79 -23.46 7.62
N ALA H 28 7.00 -23.85 7.18
CA ALA H 28 7.60 -23.34 5.92
C ALA H 28 6.57 -23.51 4.79
N MET H 29 5.98 -24.71 4.66
CA MET H 29 5.05 -25.03 3.55
C MET H 29 3.84 -24.08 3.59
N GLY H 30 3.39 -23.74 4.80
CA GLY H 30 2.34 -22.74 5.06
C GLY H 30 2.71 -21.37 4.54
N ILE H 31 3.98 -21.02 4.70
CA ILE H 31 4.53 -19.75 4.18
C ILE H 31 4.55 -19.80 2.65
N MET H 32 4.90 -20.93 2.05
CA MET H 32 4.94 -21.04 0.56
C MET H 32 3.51 -21.00 -0.02
N ASN H 33 2.54 -21.52 0.72
CA ASN H 33 1.12 -21.44 0.26
C ASN H 33 0.69 -19.99 0.21
N SER H 34 0.83 -19.31 1.35
CA SER H 34 0.57 -17.86 1.48
C SER H 34 1.23 -17.13 0.32
N PHE H 35 2.48 -17.51 -0.02
CA PHE H 35 3.27 -16.84 -1.09
C PHE H 35 2.48 -16.92 -2.40
N VAL H 36 2.24 -18.15 -2.84
CA VAL H 36 1.61 -18.46 -4.15
C VAL H 36 0.24 -17.78 -4.25
N ASN H 37 -0.56 -17.92 -3.18
CA ASN H 37 -1.89 -17.26 -3.13
C ASN H 37 -1.72 -15.73 -3.27
N ASP H 38 -0.70 -15.15 -2.66
CA ASP H 38 -0.47 -13.69 -2.64
C ASP H 38 -0.19 -13.30 -4.08
N ILE H 39 0.87 -13.88 -4.65
CA ILE H 39 1.35 -13.48 -6.00
C ILE H 39 0.23 -13.81 -7.01
N PHE H 40 -0.50 -14.90 -6.81
CA PHE H 40 -1.73 -15.17 -7.58
C PHE H 40 -2.63 -13.91 -7.56
N GLU H 41 -3.03 -13.42 -6.36
CA GLU H 41 -4.03 -12.34 -6.22
C GLU H 41 -3.42 -11.08 -6.86
N ARG H 42 -2.14 -10.83 -6.63
CA ARG H 42 -1.53 -9.59 -7.14
C ARG H 42 -1.59 -9.58 -8.67
N ILE H 43 -1.24 -10.71 -9.30
CA ILE H 43 -1.11 -10.82 -10.78
C ILE H 43 -2.49 -10.81 -11.43
N ALA H 44 -3.39 -11.69 -10.99
CA ALA H 44 -4.81 -11.75 -11.43
C ALA H 44 -5.43 -10.38 -11.29
N GLY H 45 -5.15 -9.72 -10.15
CA GLY H 45 -5.66 -8.38 -9.82
C GLY H 45 -5.27 -7.41 -10.91
N GLU H 46 -3.98 -7.29 -11.19
CA GLU H 46 -3.46 -6.27 -12.15
C GLU H 46 -3.98 -6.62 -13.54
N ALA H 47 -4.04 -7.91 -13.87
CA ALA H 47 -4.58 -8.40 -15.15
C ALA H 47 -6.00 -7.90 -15.31
N SER H 48 -6.84 -8.16 -14.31
CA SER H 48 -8.26 -7.72 -14.24
C SER H 48 -8.35 -6.23 -14.57
N ARG H 49 -7.59 -5.42 -13.82
CA ARG H 49 -7.56 -3.96 -14.01
C ARG H 49 -7.19 -3.67 -15.47
N LEU H 50 -6.09 -4.25 -15.96
CA LEU H 50 -5.59 -4.05 -17.35
C LEU H 50 -6.71 -4.30 -18.37
N ALA H 51 -7.31 -5.50 -18.31
CA ALA H 51 -8.51 -5.88 -19.09
C ALA H 51 -9.59 -4.79 -18.93
N HIS H 52 -10.03 -4.46 -17.71
CA HIS H 52 -11.06 -3.40 -17.50
C HIS H 52 -10.60 -2.08 -18.15
N TYR H 53 -9.31 -1.71 -18.06
CA TYR H 53 -8.83 -0.39 -18.55
C TYR H 53 -8.93 -0.30 -20.07
N ASN H 54 -8.86 -1.45 -20.75
CA ASN H 54 -8.85 -1.52 -22.23
C ASN H 54 -10.22 -1.99 -22.74
N LYS H 55 -11.24 -1.98 -21.88
CA LYS H 55 -12.65 -2.37 -22.18
C LYS H 55 -12.67 -3.76 -22.81
N ARG H 56 -12.14 -4.75 -22.10
CA ARG H 56 -12.00 -6.14 -22.59
C ARG H 56 -12.63 -7.10 -21.57
N SER H 57 -13.22 -8.16 -22.10
CA SER H 57 -13.97 -9.19 -21.35
C SER H 57 -13.01 -10.31 -20.96
N THR H 58 -11.78 -10.27 -21.50
CA THR H 58 -10.89 -11.46 -21.56
C THR H 58 -9.50 -11.15 -20.98
N ILE H 59 -9.04 -12.01 -20.08
CA ILE H 59 -7.66 -11.98 -19.51
C ILE H 59 -6.87 -13.08 -20.23
N THR H 60 -5.98 -12.67 -21.13
CA THR H 60 -5.12 -13.56 -21.95
C THR H 60 -3.73 -13.59 -21.33
N SER H 61 -2.87 -14.45 -21.87
CA SER H 61 -1.42 -14.50 -21.61
C SER H 61 -0.85 -13.07 -21.58
N ARG H 62 -1.38 -12.15 -22.38
CA ARG H 62 -0.78 -10.79 -22.58
C ARG H 62 -1.01 -9.93 -21.34
N GLU H 63 -2.23 -9.91 -20.83
CA GLU H 63 -2.60 -9.28 -19.54
C GLU H 63 -1.76 -9.92 -18.43
N ILE H 64 -1.45 -11.21 -18.49
CA ILE H 64 -0.67 -11.83 -17.36
C ILE H 64 0.75 -11.29 -17.44
N GLN H 65 1.25 -11.10 -18.66
CA GLN H 65 2.67 -10.72 -18.90
C GLN H 65 2.85 -9.26 -18.47
N THR H 66 1.98 -8.37 -18.94
CA THR H 66 2.02 -6.93 -18.57
C THR H 66 1.99 -6.86 -17.04
N ALA H 67 1.03 -7.56 -16.42
CA ALA H 67 0.90 -7.60 -14.94
C ALA H 67 2.26 -7.93 -14.36
N VAL H 68 2.89 -9.00 -14.84
CA VAL H 68 4.17 -9.51 -14.27
C VAL H 68 5.25 -8.45 -14.44
N ARG H 69 5.23 -7.73 -15.55
CA ARG H 69 6.19 -6.61 -15.76
C ARG H 69 5.99 -5.53 -14.70
N LEU H 70 4.73 -5.24 -14.32
CA LEU H 70 4.34 -4.14 -13.41
C LEU H 70 4.68 -4.60 -11.98
N LEU H 71 4.61 -5.90 -11.69
CA LEU H 71 4.60 -6.38 -10.29
C LEU H 71 5.99 -6.94 -9.91
N LEU H 72 6.76 -7.47 -10.84
CA LEU H 72 8.05 -8.10 -10.45
C LEU H 72 9.23 -7.17 -10.75
N PRO H 73 10.18 -7.11 -9.78
CA PRO H 73 11.39 -6.30 -9.88
C PRO H 73 12.45 -6.79 -10.88
N GLY H 74 12.94 -5.84 -11.66
CA GLY H 74 14.13 -5.99 -12.51
C GLY H 74 14.25 -7.40 -13.07
N GLU H 75 15.08 -8.22 -12.45
CA GLU H 75 15.53 -9.51 -13.06
C GLU H 75 14.49 -10.61 -12.87
N LEU H 76 13.78 -10.62 -11.73
CA LEU H 76 12.62 -11.51 -11.49
C LEU H 76 11.61 -11.41 -12.64
N ALA H 77 11.25 -10.20 -13.09
CA ALA H 77 10.30 -9.98 -14.20
C ALA H 77 10.85 -10.71 -15.41
N LYS H 78 12.08 -10.36 -15.78
CA LYS H 78 12.71 -10.79 -17.05
C LYS H 78 12.66 -12.32 -17.11
N HIS H 79 13.07 -12.99 -16.04
CA HIS H 79 13.08 -14.47 -15.95
C HIS H 79 11.66 -15.04 -15.90
N ALA H 80 10.75 -14.44 -15.12
CA ALA H 80 9.33 -14.85 -15.06
C ALA H 80 8.71 -14.77 -16.47
N VAL H 81 8.88 -13.63 -17.15
CA VAL H 81 8.36 -13.42 -18.53
C VAL H 81 8.85 -14.56 -19.44
N SER H 82 10.11 -14.97 -19.36
CA SER H 82 10.62 -16.01 -20.30
C SER H 82 10.10 -17.38 -19.85
N GLU H 83 10.02 -17.65 -18.56
CA GLU H 83 9.47 -18.97 -18.13
C GLU H 83 8.02 -19.08 -18.60
N GLY H 84 7.31 -17.96 -18.61
CA GLY H 84 5.88 -17.91 -18.96
C GLY H 84 5.66 -17.97 -20.45
N THR H 85 6.49 -17.27 -21.24
CA THR H 85 6.46 -17.31 -22.72
C THR H 85 6.77 -18.74 -23.16
N LYS H 86 7.71 -19.39 -22.46
CA LYS H 86 8.23 -20.75 -22.75
C LYS H 86 7.13 -21.78 -22.55
N ALA H 87 6.45 -21.73 -21.40
CA ALA H 87 5.42 -22.72 -21.03
C ALA H 87 4.27 -22.63 -22.02
N VAL H 88 4.01 -21.45 -22.54
CA VAL H 88 2.86 -21.17 -23.46
C VAL H 88 3.23 -21.71 -24.84
N THR H 89 4.44 -21.39 -25.32
CA THR H 89 5.15 -22.03 -26.47
C THR H 89 5.00 -23.57 -26.38
N LYS H 90 5.54 -24.21 -25.34
CA LYS H 90 5.54 -25.69 -25.18
C LYS H 90 4.12 -26.27 -25.20
N TYR H 91 3.13 -25.51 -24.73
CA TYR H 91 1.71 -25.96 -24.63
C TYR H 91 1.02 -25.79 -25.99
N THR H 92 1.30 -24.71 -26.73
CA THR H 92 0.72 -24.44 -28.07
C THR H 92 1.26 -25.49 -29.07
N SER H 93 2.43 -26.08 -28.81
CA SER H 93 3.07 -27.14 -29.65
C SER H 93 2.86 -28.51 -28.97
N ALA H 94 1.62 -28.87 -28.64
CA ALA H 94 1.29 -30.16 -27.98
C ALA H 94 -0.03 -30.68 -28.55
N LYS H 95 0.05 -31.67 -29.44
CA LYS H 95 -1.13 -32.29 -30.10
C LYS H 95 -1.89 -33.14 -29.07
N PRO K 1 15.94 -28.04 -19.41
CA PRO K 1 14.81 -27.51 -20.21
C PRO K 1 13.52 -27.24 -19.41
N GLY K 2 13.61 -27.15 -18.07
CA GLY K 2 12.47 -26.90 -17.16
C GLY K 2 12.42 -25.45 -16.69
N ORN K 3 12.76 -25.19 -15.41
CA ORN K 3 12.84 -23.83 -14.91
CB ORN K 3 11.98 -23.69 -13.64
CG ORN K 3 10.50 -24.03 -13.84
CD ORN K 3 9.60 -22.82 -14.04
NE ORN K 3 8.60 -22.94 -15.10
C ORN K 3 14.32 -23.49 -14.68
O ORN K 3 15.06 -24.29 -14.11
N ARG K 4 14.73 -22.31 -15.16
CA ARG K 4 16.09 -21.81 -14.97
C ARG K 4 16.08 -20.62 -14.00
N LEU K 5 16.85 -20.73 -12.91
CA LEU K 5 16.91 -19.71 -11.82
C LEU K 5 17.95 -18.63 -12.18
N ARG K 6 17.95 -17.54 -11.43
CA ARG K 6 18.85 -16.37 -11.65
C ARG K 6 20.31 -16.82 -11.43
N SER K 7 20.52 -17.70 -10.44
CA SER K 7 21.85 -18.26 -10.06
C SER K 7 22.48 -18.96 -11.27
N GLY K 8 21.66 -19.53 -12.17
CA GLY K 8 22.11 -20.24 -13.38
C GLY K 8 21.90 -21.74 -13.28
N ARG K 9 21.36 -22.26 -12.17
CA ARG K 9 20.99 -23.69 -12.03
C ARG K 9 19.68 -23.95 -12.78
N SER K 10 19.46 -25.19 -13.20
CA SER K 10 18.24 -25.63 -13.93
C SER K 10 17.46 -26.60 -13.04
N THR K 11 16.27 -26.99 -13.50
CA THR K 11 15.43 -28.06 -12.91
C THR K 11 15.69 -29.35 -13.70
N GLY K 12 16.82 -30.03 -13.41
CA GLY K 12 17.22 -31.34 -13.99
C GLY K 12 17.18 -31.35 -15.50
N ALA K 13 16.36 -32.24 -16.09
CA ALA K 13 16.17 -32.40 -17.56
C ALA K 13 14.71 -32.78 -17.87
N PRO K 14 14.36 -33.95 -18.47
CA PRO K 14 12.95 -34.28 -18.72
C PRO K 14 12.23 -34.82 -17.47
MG MG L . 18.12 9.82 -24.28
#